data_387D
# 
_entry.id   387D 
# 
_audit_conform.dict_name       mmcif_pdbx.dic 
_audit_conform.dict_version    5.383 
_audit_conform.dict_location   http://mmcif.pdb.org/dictionaries/ascii/mmcif_pdbx.dic 
# 
loop_
_database_2.database_id 
_database_2.database_code 
_database_2.pdbx_database_accession 
_database_2.pdbx_DOI 
PDB   387D         pdb_0000387d 10.2210/pdb387d/pdb 
NDB   URX072       ?            ?                   
RCSB  RCSB001353   ?            ?                   
WWPDB D_1000001353 ?            ?                   
# 
loop_
_pdbx_audit_revision_history.ordinal 
_pdbx_audit_revision_history.data_content_type 
_pdbx_audit_revision_history.major_revision 
_pdbx_audit_revision_history.minor_revision 
_pdbx_audit_revision_history.revision_date 
1 'Structure model' 1 0 2003-08-26 
2 'Structure model' 1 1 2008-04-26 
3 'Structure model' 1 2 2011-07-13 
4 'Structure model' 1 3 2018-04-04 
5 'Structure model' 1 4 2023-12-27 
# 
_pdbx_audit_revision_details.ordinal             1 
_pdbx_audit_revision_details.revision_ordinal    1 
_pdbx_audit_revision_details.data_content_type   'Structure model' 
_pdbx_audit_revision_details.provider            repository 
_pdbx_audit_revision_details.type                'Initial release' 
_pdbx_audit_revision_details.description         ? 
_pdbx_audit_revision_details.details             ? 
# 
loop_
_pdbx_audit_revision_group.ordinal 
_pdbx_audit_revision_group.revision_ordinal 
_pdbx_audit_revision_group.data_content_type 
_pdbx_audit_revision_group.group 
1 2 'Structure model' 'Version format compliance' 
2 3 'Structure model' 'Version format compliance' 
3 4 'Structure model' 'Data collection'           
4 5 'Structure model' 'Data collection'           
5 5 'Structure model' 'Database references'       
# 
loop_
_pdbx_audit_revision_category.ordinal 
_pdbx_audit_revision_category.revision_ordinal 
_pdbx_audit_revision_category.data_content_type 
_pdbx_audit_revision_category.category 
1 4 'Structure model' diffrn_source  
2 5 'Structure model' chem_comp_atom 
3 5 'Structure model' chem_comp_bond 
4 5 'Structure model' database_2     
# 
loop_
_pdbx_audit_revision_item.ordinal 
_pdbx_audit_revision_item.revision_ordinal 
_pdbx_audit_revision_item.data_content_type 
_pdbx_audit_revision_item.item 
1 4 'Structure model' '_diffrn_source.type'                 
2 5 'Structure model' '_database_2.pdbx_DOI'                
3 5 'Structure model' '_database_2.pdbx_database_accession' 
# 
_pdbx_database_status.status_code                     REL 
_pdbx_database_status.entry_id                        387D 
_pdbx_database_status.recvd_initial_deposition_date   1998-04-14 
_pdbx_database_status.deposit_site                    NDB 
_pdbx_database_status.process_site                    NDB 
_pdbx_database_status.SG_entry                        . 
_pdbx_database_status.pdb_format_compatible           Y 
_pdbx_database_status.status_code_mr                  ? 
_pdbx_database_status.status_code_sf                  ? 
_pdbx_database_status.status_code_cs                  ? 
_pdbx_database_status.methods_development_category    ? 
_pdbx_database_status.status_code_nmr_data            ? 
# 
loop_
_audit_author.name 
_audit_author.pdbx_ordinal 
'Lietzke, S.E.' 1 
'Kundrot, C.E.' 2 
'Barnes, C.L.'  3 
# 
loop_
_citation.id 
_citation.title 
_citation.journal_abbrev 
_citation.journal_volume 
_citation.page_first 
_citation.page_last 
_citation.year 
_citation.journal_id_ASTM 
_citation.country 
_citation.journal_id_ISSN 
_citation.journal_id_CSD 
_citation.book_publisher 
_citation.pdbx_database_id_PubMed 
_citation.pdbx_database_id_DOI 
primary 'The Structure of an RNA Pseudoknot Shows 3D Domain Swapping' 
;Structure, Motion, Interaction and Expression of Biological Macromolecules, The Proceedings of the Tenth Conversation held at The University-SUNY, Albany NY, June 17-21, 1997
;
10  91   101  1998 ?      US 0-940030-75-6 ?    ? -1 ?                         
1       'Preliminary X-ray Diffraction Studies of an RNA Pseudoknot that Inhibits HIV-1 Reverse Transcriptase' 
'Acta Crystallogr.,Sect.D' 52  1018 1020 1996 ABCRE6 DK 0907-4449     0766 ? ?  10.1107/S0907444996004234 
2       
;Comprehensive chemical modification interference and nucleotide substitution analysis of an RNA pseudoknot inhibitor to HIV-1 reverse transcriptase
;
J.Mol.Biol. 247 60   68   1995 JMOBAK UK 0022-2836     0070 ? ?  10.1006/jmbi.1994.0122    
3       'RNA pseudoknots that inhibit human immunodeficiency' Proc.Natl.Acad.Sci.USA 89  6988 6992 1992 PNASA6 US 0027-8424     
0040 ? ?  ?                         
# 
loop_
_citation_author.citation_id 
_citation_author.name 
_citation_author.ordinal 
_citation_author.identifier_ORCID 
primary 'Lietzke, S.E.'      1  ? 
primary 'Barnes, C.L.'       2  ? 
primary 'Malone, V.F.'       3  ? 
primary 'Jones, J.T.'        4  ? 
primary 'Kundrot, C.E.'      5  ? 
1       'Jones, J.T.'        6  ? 
1       'Barnes, C.L.'       7  ? 
1       'Lietzke, S.E.'      8  ? 
1       'Wieichenrieder, O.' 9  ? 
1       'Doudna, J.A.'       10 ? 
1       'Kundrot, C.E.'      11 ? 
2       'Green, L.'          12 ? 
2       'Waugh, S.'          13 ? 
2       'Brinkley, J.P.'     14 ? 
2       'Hostomska, Z.'      15 ? 
2       'Tuerk, C.'          16 ? 
3       'Tuerk, C.'          17 ? 
3       'MacDougal, S.'      18 ? 
3       'Gould, L.'          19 ? 
# 
loop_
_entity.id 
_entity.type 
_entity.src_method 
_entity.pdbx_description 
_entity.formula_weight 
_entity.pdbx_number_of_molecules 
_entity.pdbx_ec 
_entity.pdbx_mutation 
_entity.pdbx_fragment 
_entity.details 
1 polymer syn 'RNA Pseudoknot' 8390.091 1 ? ? ? 26-mer 
2 water   nat water            18.015   6 ? ? ? ?      
# 
_entity_keywords.entity_id   1 
_entity_keywords.text        RNA 
# 
_entity_poly.entity_id                      1 
_entity_poly.type                           polyribonucleotide 
_entity_poly.nstd_linkage                   no 
_entity_poly.nstd_monomer                   no 
_entity_poly.pdbx_seq_one_letter_code       UCCGAAGUGCAACGGGAAAAUGCACU 
_entity_poly.pdbx_seq_one_letter_code_can   UCCGAAGUGCAACGGGAAAAUGCACU 
_entity_poly.pdbx_strand_id                 A 
_entity_poly.pdbx_target_identifier         ? 
# 
_pdbx_entity_nonpoly.entity_id   2 
_pdbx_entity_nonpoly.name        water 
_pdbx_entity_nonpoly.comp_id     HOH 
# 
loop_
_entity_poly_seq.entity_id 
_entity_poly_seq.num 
_entity_poly_seq.mon_id 
_entity_poly_seq.hetero 
1 1  U n 
1 2  C n 
1 3  C n 
1 4  G n 
1 5  A n 
1 6  A n 
1 7  G n 
1 8  U n 
1 9  G n 
1 10 C n 
1 11 A n 
1 12 A n 
1 13 C n 
1 14 G n 
1 15 G n 
1 16 G n 
1 17 A n 
1 18 A n 
1 19 A n 
1 20 A n 
1 21 U n 
1 22 G n 
1 23 C n 
1 24 A n 
1 25 C n 
1 26 U n 
# 
loop_
_chem_comp.id 
_chem_comp.type 
_chem_comp.mon_nstd_flag 
_chem_comp.name 
_chem_comp.pdbx_synonyms 
_chem_comp.formula 
_chem_comp.formula_weight 
A   'RNA linking' y "ADENOSINE-5'-MONOPHOSPHATE" ? 'C10 H14 N5 O7 P' 347.221 
C   'RNA linking' y "CYTIDINE-5'-MONOPHOSPHATE"  ? 'C9 H14 N3 O8 P'  323.197 
G   'RNA linking' y "GUANOSINE-5'-MONOPHOSPHATE" ? 'C10 H14 N5 O8 P' 363.221 
HOH non-polymer   . WATER                        ? 'H2 O'            18.015  
U   'RNA linking' y "URIDINE-5'-MONOPHOSPHATE"   ? 'C9 H13 N2 O9 P'  324.181 
# 
loop_
_pdbx_poly_seq_scheme.asym_id 
_pdbx_poly_seq_scheme.entity_id 
_pdbx_poly_seq_scheme.seq_id 
_pdbx_poly_seq_scheme.mon_id 
_pdbx_poly_seq_scheme.ndb_seq_num 
_pdbx_poly_seq_scheme.pdb_seq_num 
_pdbx_poly_seq_scheme.auth_seq_num 
_pdbx_poly_seq_scheme.pdb_mon_id 
_pdbx_poly_seq_scheme.auth_mon_id 
_pdbx_poly_seq_scheme.pdb_strand_id 
_pdbx_poly_seq_scheme.pdb_ins_code 
_pdbx_poly_seq_scheme.hetero 
A 1 1  U 1  1  1  U U A . n 
A 1 2  C 2  2  2  C C A . n 
A 1 3  C 3  3  3  C C A . n 
A 1 4  G 4  4  4  G G A . n 
A 1 5  A 5  5  5  A A A . n 
A 1 6  A 6  6  6  A A A . n 
A 1 7  G 7  7  7  G G A . n 
A 1 8  U 8  8  8  U U A . n 
A 1 9  G 9  9  9  G G A . n 
A 1 10 C 10 10 10 C C A . n 
A 1 11 A 11 11 11 A A A . n 
A 1 12 A 12 12 12 A A A . n 
A 1 13 C 13 13 13 C C A . n 
A 1 14 G 14 14 14 G G A . n 
A 1 15 G 15 15 15 G G A . n 
A 1 16 G 16 16 16 G G A . n 
A 1 17 A 17 17 17 A A A . n 
A 1 18 A 18 18 18 A A A . n 
A 1 19 A 19 19 19 A A A . n 
A 1 20 A 20 20 20 A A A . n 
A 1 21 U 21 21 21 U U A . n 
A 1 22 G 22 22 22 G G A . n 
A 1 23 C 23 23 23 C C A . n 
A 1 24 A 24 24 24 A A A . n 
A 1 25 C 25 25 25 C C A . n 
A 1 26 U 26 26 26 U U A . n 
# 
loop_
_pdbx_nonpoly_scheme.asym_id 
_pdbx_nonpoly_scheme.entity_id 
_pdbx_nonpoly_scheme.mon_id 
_pdbx_nonpoly_scheme.ndb_seq_num 
_pdbx_nonpoly_scheme.pdb_seq_num 
_pdbx_nonpoly_scheme.auth_seq_num 
_pdbx_nonpoly_scheme.pdb_mon_id 
_pdbx_nonpoly_scheme.auth_mon_id 
_pdbx_nonpoly_scheme.pdb_strand_id 
_pdbx_nonpoly_scheme.pdb_ins_code 
B 2 HOH 1 27 1 HOH HOH A . 
B 2 HOH 2 28 2 HOH HOH A . 
B 2 HOH 3 29 3 HOH HOH A . 
B 2 HOH 4 30 4 HOH HOH A . 
B 2 HOH 5 31 5 HOH HOH A . 
B 2 HOH 6 32 6 HOH HOH A . 
# 
loop_
_software.name 
_software.classification 
_software.version 
_software.citation_id 
_software.pdbx_ordinal 
XDS    'data scaling'   .   ? 1 
XSCALE 'data scaling'   .   ? 2 
X-PLOR refinement       3.1 ? 3 
XDS    'data reduction' .   ? 4 
# 
_cell.entry_id           387D 
_cell.length_a           61.600 
_cell.length_b           61.600 
_cell.length_c           98.900 
_cell.angle_alpha        90.00 
_cell.angle_beta         90.00 
_cell.angle_gamma        90.00 
_cell.Z_PDB              8 
_cell.pdbx_unique_axis   ? 
# 
_symmetry.entry_id                         387D 
_symmetry.space_group_name_H-M             'P 43 2 2' 
_symmetry.pdbx_full_space_group_name_H-M   ? 
_symmetry.cell_setting                     tetragonal 
_symmetry.Int_Tables_number                95 
# 
_exptl.entry_id          387D 
_exptl.method            'X-RAY DIFFRACTION' 
_exptl.crystals_number   1 
# 
_exptl_crystal.id                    1 
_exptl_crystal.density_meas          ? 
_exptl_crystal.density_percent_sol   78.00 
_exptl_crystal.density_Matthews      5.59 
_exptl_crystal.description           ? 
# 
_exptl_crystal_grow.crystal_id      1 
_exptl_crystal_grow.method          'VAPOR DIFFUSION, HANGING DROP' 
_exptl_crystal_grow.temp            293.00 
_exptl_crystal_grow.pH              6.50 
_exptl_crystal_grow.pdbx_details    'pH 6.50, VAPOR DIFFUSION, HANGING DROP, temperature 293.00K' 
_exptl_crystal_grow.temp_details    ? 
_exptl_crystal_grow.pdbx_pH_range   . 
# 
loop_
_exptl_crystal_grow_comp.crystal_id 
_exptl_crystal_grow_comp.id 
_exptl_crystal_grow_comp.sol_id 
_exptl_crystal_grow_comp.name 
_exptl_crystal_grow_comp.volume 
_exptl_crystal_grow_comp.conc 
_exptl_crystal_grow_comp.details 
1 1 1 MGCL2               1  2  3  
1 2 1 'SODIUM CACODYLATE' 4  5  6  
1 3 1 'SODIUM ACETATE'    7  8  9  
1 4 2 'SODIUM CACODYLATE' 10 11 12 
1 5 2 'SODIUM ACETATE'    13 14 15 
# 
_diffrn.id                     1 
_diffrn.ambient_temp           100.00 
_diffrn.ambient_temp_details   ? 
_diffrn.crystal_id             1 
# 
_diffrn_detector.diffrn_id              1 
_diffrn_detector.detector               'AREA DETECTOR' 
_diffrn_detector.type                   SIEMENS 
_diffrn_detector.pdbx_collection_date   1995-10-26 
_diffrn_detector.details                ? 
# 
_diffrn_radiation.diffrn_id                        1 
_diffrn_radiation.wavelength_id                    1 
_diffrn_radiation.pdbx_monochromatic_or_laue_m_l   M 
_diffrn_radiation.monochromator                    ? 
_diffrn_radiation.pdbx_diffrn_protocol             'SINGLE WAVELENGTH' 
_diffrn_radiation.pdbx_scattering_type             x-ray 
# 
_diffrn_radiation_wavelength.id           1 
_diffrn_radiation_wavelength.wavelength   . 
_diffrn_radiation_wavelength.wt           1.0 
# 
_diffrn_source.diffrn_id                   1 
_diffrn_source.source                      'ROTATING ANODE' 
_diffrn_source.type                        'RIGAKU RU200' 
_diffrn_source.pdbx_synchrotron_site       ? 
_diffrn_source.pdbx_synchrotron_beamline   ? 
_diffrn_source.pdbx_wavelength             ? 
_diffrn_source.pdbx_wavelength_list        ? 
# 
_reflns.entry_id                     387D 
_reflns.observed_criterion_sigma_I   0.000 
_reflns.observed_criterion_sigma_F   0.000 
_reflns.d_resolution_low             50.000 
_reflns.d_resolution_high            3.100 
_reflns.number_obs                   3615 
_reflns.number_all                   3615 
_reflns.percent_possible_obs         95.200 
_reflns.pdbx_Rmerge_I_obs            0.051 
_reflns.pdbx_Rsym_value              ? 
_reflns.pdbx_netI_over_sigmaI        ? 
_reflns.B_iso_Wilson_estimate        ? 
_reflns.pdbx_redundancy              2.700 
_reflns.R_free_details               ? 
_reflns.pdbx_diffrn_id               1 
_reflns.pdbx_ordinal                 1 
# 
_refine.entry_id                                 387D 
_refine.ls_number_reflns_obs                     3467 
_refine.ls_number_reflns_all                     ? 
_refine.pdbx_ls_sigma_I                          ? 
_refine.pdbx_ls_sigma_F                          2.000 
_refine.pdbx_data_cutoff_high_absF               ? 
_refine.pdbx_data_cutoff_low_absF                ? 
_refine.pdbx_data_cutoff_high_rms_absF           ? 
_refine.ls_d_res_low                             10.000 
_refine.ls_d_res_high                            3.100 
_refine.ls_percent_reflns_obs                    ? 
_refine.ls_R_factor_obs                          0.1811 
_refine.ls_R_factor_all                          ? 
_refine.ls_R_factor_R_work                       0.181 
_refine.ls_R_factor_R_free                       0.234 
_refine.ls_R_factor_R_free_error                 ? 
_refine.ls_R_factor_R_free_error_details         ? 
_refine.ls_percent_reflns_R_free                 7.3 
_refine.ls_number_reflns_R_free                  254 
_refine.ls_number_parameters                     ? 
_refine.ls_number_restraints                     ? 
_refine.occupancy_min                            ? 
_refine.occupancy_max                            ? 
_refine.B_iso_mean                               ? 
_refine.aniso_B[1][1]                            ? 
_refine.aniso_B[2][2]                            ? 
_refine.aniso_B[3][3]                            ? 
_refine.aniso_B[1][2]                            ? 
_refine.aniso_B[1][3]                            ? 
_refine.aniso_B[2][3]                            ? 
_refine.solvent_model_details                    ? 
_refine.solvent_model_param_ksol                 ? 
_refine.solvent_model_param_bsol                 ? 
_refine.pdbx_ls_cross_valid_method               ? 
_refine.details                                  ? 
_refine.pdbx_starting_model                      ? 
_refine.pdbx_method_to_determine_struct          ? 
_refine.pdbx_isotropic_thermal_model             ? 
_refine.pdbx_stereochemistry_target_values       ? 
_refine.pdbx_stereochem_target_val_spec_case     ? 
_refine.pdbx_R_Free_selection_details            ? 
_refine.pdbx_overall_ESU_R                       ? 
_refine.pdbx_overall_ESU_R_Free                  ? 
_refine.overall_SU_ML                            ? 
_refine.overall_SU_B                             ? 
_refine.ls_redundancy_reflns_obs                 ? 
_refine.correlation_coeff_Fo_to_Fc               ? 
_refine.overall_SU_R_Cruickshank_DPI             ? 
_refine.overall_SU_R_free                        ? 
_refine.correlation_coeff_Fo_to_Fc_free          ? 
_refine.pdbx_solvent_vdw_probe_radii             ? 
_refine.pdbx_solvent_ion_probe_radii             ? 
_refine.pdbx_solvent_shrinkage_radii             ? 
_refine.pdbx_refine_id                           'X-RAY DIFFRACTION' 
_refine.pdbx_diffrn_id                           1 
_refine.pdbx_TLS_residual_ADP_flag               ? 
_refine.pdbx_overall_phase_error                 ? 
_refine.pdbx_overall_SU_R_free_Cruickshank_DPI   ? 
_refine.pdbx_overall_SU_R_Blow_DPI               ? 
_refine.pdbx_overall_SU_R_free_Blow_DPI          ? 
# 
_refine_hist.pdbx_refine_id                   'X-RAY DIFFRACTION' 
_refine_hist.cycle_id                         LAST 
_refine_hist.pdbx_number_atoms_protein        0 
_refine_hist.pdbx_number_atoms_nucleic_acid   639 
_refine_hist.pdbx_number_atoms_ligand         0 
_refine_hist.number_atoms_solvent             18 
_refine_hist.number_atoms_total               657 
_refine_hist.d_res_high                       3.100 
_refine_hist.d_res_low                        10.000 
# 
loop_
_refine_ls_restr.type 
_refine_ls_restr.dev_ideal 
_refine_ls_restr.dev_ideal_target 
_refine_ls_restr.weight 
_refine_ls_restr.number 
_refine_ls_restr.pdbx_refine_id 
_refine_ls_restr.pdbx_restraint_function 
x_bond_d                0.013 ? ? ? 'X-RAY DIFFRACTION' ? 
x_bond_d_na             ?     ? ? ? 'X-RAY DIFFRACTION' ? 
x_bond_d_prot           ?     ? ? ? 'X-RAY DIFFRACTION' ? 
x_angle_d               ?     ? ? ? 'X-RAY DIFFRACTION' ? 
x_angle_d_na            ?     ? ? ? 'X-RAY DIFFRACTION' ? 
x_angle_d_prot          ?     ? ? ? 'X-RAY DIFFRACTION' ? 
x_angle_deg             1.61  ? ? ? 'X-RAY DIFFRACTION' ? 
x_angle_deg_na          ?     ? ? ? 'X-RAY DIFFRACTION' ? 
x_angle_deg_prot        ?     ? ? ? 'X-RAY DIFFRACTION' ? 
x_dihedral_angle_d      ?     ? ? ? 'X-RAY DIFFRACTION' ? 
x_dihedral_angle_d_na   ?     ? ? ? 'X-RAY DIFFRACTION' ? 
x_dihedral_angle_d_prot ?     ? ? ? 'X-RAY DIFFRACTION' ? 
x_improper_angle_d      ?     ? ? ? 'X-RAY DIFFRACTION' ? 
x_improper_angle_d_na   ?     ? ? ? 'X-RAY DIFFRACTION' ? 
x_improper_angle_d_prot ?     ? ? ? 'X-RAY DIFFRACTION' ? 
x_mcbond_it             ?     ? ? ? 'X-RAY DIFFRACTION' ? 
x_mcangle_it            ?     ? ? ? 'X-RAY DIFFRACTION' ? 
x_scbond_it             ?     ? ? ? 'X-RAY DIFFRACTION' ? 
x_scangle_it            ?     ? ? ? 'X-RAY DIFFRACTION' ? 
# 
_struct.entry_id                  387D 
_struct.title                     'RNA Pseudoknot with 3D Domain Swapping' 
_struct.pdbx_model_details        ? 
_struct.pdbx_CASP_flag            ? 
_struct.pdbx_model_type_details   ? 
# 
_struct_keywords.entry_id        387D 
_struct_keywords.pdbx_keywords   RNA 
_struct_keywords.text            'RNA PSEUDOKNOT, RNA' 
# 
loop_
_struct_asym.id 
_struct_asym.pdbx_blank_PDB_chainid_flag 
_struct_asym.pdbx_modified 
_struct_asym.entity_id 
_struct_asym.details 
A N N 1 ? 
B N N 2 ? 
# 
_struct_ref.id                         1 
_struct_ref.entity_id                  1 
_struct_ref.db_name                    PDB 
_struct_ref.db_code                    387D 
_struct_ref.pdbx_db_accession          387D 
_struct_ref.pdbx_db_isoform            ? 
_struct_ref.pdbx_seq_one_letter_code   ? 
_struct_ref.pdbx_align_begin           ? 
# 
_struct_ref_seq.align_id                      1 
_struct_ref_seq.ref_id                        1 
_struct_ref_seq.pdbx_PDB_id_code              387D 
_struct_ref_seq.pdbx_strand_id                A 
_struct_ref_seq.seq_align_beg                 1 
_struct_ref_seq.pdbx_seq_align_beg_ins_code   ? 
_struct_ref_seq.seq_align_end                 26 
_struct_ref_seq.pdbx_seq_align_end_ins_code   ? 
_struct_ref_seq.pdbx_db_accession             387D 
_struct_ref_seq.db_align_beg                  1 
_struct_ref_seq.pdbx_db_align_beg_ins_code    ? 
_struct_ref_seq.db_align_end                  26 
_struct_ref_seq.pdbx_db_align_end_ins_code    ? 
_struct_ref_seq.pdbx_auth_seq_align_beg       1 
_struct_ref_seq.pdbx_auth_seq_align_end       26 
# 
_pdbx_struct_assembly.id                   1 
_pdbx_struct_assembly.details              author_defined_assembly 
_pdbx_struct_assembly.method_details       ? 
_pdbx_struct_assembly.oligomeric_details   monomeric 
_pdbx_struct_assembly.oligomeric_count     1 
# 
_pdbx_struct_assembly_gen.assembly_id       1 
_pdbx_struct_assembly_gen.oper_expression   1 
_pdbx_struct_assembly_gen.asym_id_list      A,B 
# 
_pdbx_struct_oper_list.id                   1 
_pdbx_struct_oper_list.type                 'identity operation' 
_pdbx_struct_oper_list.name                 1_555 
_pdbx_struct_oper_list.symmetry_operation   x,y,z 
_pdbx_struct_oper_list.matrix[1][1]         1.0000000000 
_pdbx_struct_oper_list.matrix[1][2]         0.0000000000 
_pdbx_struct_oper_list.matrix[1][3]         0.0000000000 
_pdbx_struct_oper_list.vector[1]            0.0000000000 
_pdbx_struct_oper_list.matrix[2][1]         0.0000000000 
_pdbx_struct_oper_list.matrix[2][2]         1.0000000000 
_pdbx_struct_oper_list.matrix[2][3]         0.0000000000 
_pdbx_struct_oper_list.vector[2]            0.0000000000 
_pdbx_struct_oper_list.matrix[3][1]         0.0000000000 
_pdbx_struct_oper_list.matrix[3][2]         0.0000000000 
_pdbx_struct_oper_list.matrix[3][3]         1.0000000000 
_pdbx_struct_oper_list.vector[3]            0.0000000000 
# 
_struct_biol.id                    1 
_struct_biol.pdbx_parent_biol_id   ? 
_struct_biol.details               ? 
# 
loop_
_struct_conn.id 
_struct_conn.conn_type_id 
_struct_conn.pdbx_leaving_atom_flag 
_struct_conn.pdbx_PDB_id 
_struct_conn.ptnr1_label_asym_id 
_struct_conn.ptnr1_label_comp_id 
_struct_conn.ptnr1_label_seq_id 
_struct_conn.ptnr1_label_atom_id 
_struct_conn.pdbx_ptnr1_label_alt_id 
_struct_conn.pdbx_ptnr1_PDB_ins_code 
_struct_conn.pdbx_ptnr1_standard_comp_id 
_struct_conn.ptnr1_symmetry 
_struct_conn.ptnr2_label_asym_id 
_struct_conn.ptnr2_label_comp_id 
_struct_conn.ptnr2_label_seq_id 
_struct_conn.ptnr2_label_atom_id 
_struct_conn.pdbx_ptnr2_label_alt_id 
_struct_conn.pdbx_ptnr2_PDB_ins_code 
_struct_conn.ptnr1_auth_asym_id 
_struct_conn.ptnr1_auth_comp_id 
_struct_conn.ptnr1_auth_seq_id 
_struct_conn.ptnr2_auth_asym_id 
_struct_conn.ptnr2_auth_comp_id 
_struct_conn.ptnr2_auth_seq_id 
_struct_conn.ptnr2_symmetry 
_struct_conn.pdbx_ptnr3_label_atom_id 
_struct_conn.pdbx_ptnr3_label_seq_id 
_struct_conn.pdbx_ptnr3_label_comp_id 
_struct_conn.pdbx_ptnr3_label_asym_id 
_struct_conn.pdbx_ptnr3_label_alt_id 
_struct_conn.pdbx_ptnr3_PDB_ins_code 
_struct_conn.details 
_struct_conn.pdbx_dist_value 
_struct_conn.pdbx_value_order 
_struct_conn.pdbx_role 
hydrog1  hydrog ? ? A U 1 N3 ? ? ? 1_555 A A 18 N1 ? ? A U 1 A A 18 1_555 ? ? ? ? ? ? 'U-A PAIR'    ? ? ? 
hydrog2  hydrog ? ? A C 2 N3 ? ? ? 1_555 A G 15 N1 ? ? A C 2 A G 15 1_555 ? ? ? ? ? ? WATSON-CRICK  ? ? ? 
hydrog3  hydrog ? ? A C 2 N4 ? ? ? 1_555 A G 15 O6 ? ? A C 2 A G 15 1_555 ? ? ? ? ? ? WATSON-CRICK  ? ? ? 
hydrog4  hydrog ? ? A C 2 O2 ? ? ? 1_555 A G 15 N2 ? ? A C 2 A G 15 1_555 ? ? ? ? ? ? WATSON-CRICK  ? ? ? 
hydrog5  hydrog ? ? A C 3 N3 ? ? ? 1_555 A G 14 N1 ? ? A C 3 A G 14 1_555 ? ? ? ? ? ? WATSON-CRICK  ? ? ? 
hydrog6  hydrog ? ? A C 3 N4 ? ? ? 1_555 A G 14 O6 ? ? A C 3 A G 14 1_555 ? ? ? ? ? ? WATSON-CRICK  ? ? ? 
hydrog7  hydrog ? ? A C 3 O2 ? ? ? 1_555 A G 14 N2 ? ? A C 3 A G 14 1_555 ? ? ? ? ? ? WATSON-CRICK  ? ? ? 
hydrog8  hydrog ? ? A G 4 N1 ? ? ? 1_555 A C 13 N3 ? ? A G 4 A C 13 1_555 ? ? ? ? ? ? WATSON-CRICK  ? ? ? 
hydrog9  hydrog ? ? A G 4 N2 ? ? ? 1_555 A C 13 O2 ? ? A G 4 A C 13 1_555 ? ? ? ? ? ? WATSON-CRICK  ? ? ? 
hydrog10 hydrog ? ? A G 4 O6 ? ? ? 1_555 A C 13 N4 ? ? A G 4 A C 13 1_555 ? ? ? ? ? ? WATSON-CRICK  ? ? ? 
hydrog11 hydrog ? ? A A 5 N1 ? ? ? 1_555 A A 12 N6 ? ? A A 5 A A 12 1_555 ? ? ? ? ? ? 'A-A MISPAIR' ? ? ? 
# 
_struct_conn_type.id          hydrog 
_struct_conn_type.criteria    ? 
_struct_conn_type.reference   ? 
# 
_pdbx_validate_symm_contact.id                1 
_pdbx_validate_symm_contact.PDB_model_num     1 
_pdbx_validate_symm_contact.auth_atom_id_1    O6 
_pdbx_validate_symm_contact.auth_asym_id_1    A 
_pdbx_validate_symm_contact.auth_comp_id_1    G 
_pdbx_validate_symm_contact.auth_seq_id_1     16 
_pdbx_validate_symm_contact.PDB_ins_code_1    ? 
_pdbx_validate_symm_contact.label_alt_id_1    ? 
_pdbx_validate_symm_contact.site_symmetry_1   1_555 
_pdbx_validate_symm_contact.auth_atom_id_2    O6 
_pdbx_validate_symm_contact.auth_asym_id_2    A 
_pdbx_validate_symm_contact.auth_comp_id_2    G 
_pdbx_validate_symm_contact.auth_seq_id_2     16 
_pdbx_validate_symm_contact.PDB_ins_code_2    ? 
_pdbx_validate_symm_contact.label_alt_id_2    ? 
_pdbx_validate_symm_contact.site_symmetry_2   6_566 
_pdbx_validate_symm_contact.dist              2.14 
# 
_pdbx_validate_rmsd_bond.id                        1 
_pdbx_validate_rmsd_bond.PDB_model_num             1 
_pdbx_validate_rmsd_bond.auth_atom_id_1            C5 
_pdbx_validate_rmsd_bond.auth_asym_id_1            A 
_pdbx_validate_rmsd_bond.auth_comp_id_1            A 
_pdbx_validate_rmsd_bond.auth_seq_id_1             20 
_pdbx_validate_rmsd_bond.PDB_ins_code_1            ? 
_pdbx_validate_rmsd_bond.label_alt_id_1            ? 
_pdbx_validate_rmsd_bond.auth_atom_id_2            C6 
_pdbx_validate_rmsd_bond.auth_asym_id_2            A 
_pdbx_validate_rmsd_bond.auth_comp_id_2            A 
_pdbx_validate_rmsd_bond.auth_seq_id_2             20 
_pdbx_validate_rmsd_bond.PDB_ins_code_2            ? 
_pdbx_validate_rmsd_bond.label_alt_id_2            ? 
_pdbx_validate_rmsd_bond.bond_value                1.347 
_pdbx_validate_rmsd_bond.bond_target_value         1.406 
_pdbx_validate_rmsd_bond.bond_deviation            -0.059 
_pdbx_validate_rmsd_bond.bond_standard_deviation   0.009 
_pdbx_validate_rmsd_bond.linker_flag               N 
# 
loop_
_pdbx_validate_planes.id 
_pdbx_validate_planes.PDB_model_num 
_pdbx_validate_planes.auth_comp_id 
_pdbx_validate_planes.auth_asym_id 
_pdbx_validate_planes.auth_seq_id 
_pdbx_validate_planes.PDB_ins_code 
_pdbx_validate_planes.label_alt_id 
_pdbx_validate_planes.rmsd 
_pdbx_validate_planes.type 
1 1 G A 4  ? ? 0.061 'SIDE CHAIN' 
2 1 A A 5  ? ? 0.075 'SIDE CHAIN' 
3 1 C A 10 ? ? 0.085 'SIDE CHAIN' 
4 1 A A 11 ? ? 0.056 'SIDE CHAIN' 
5 1 G A 14 ? ? 0.081 'SIDE CHAIN' 
6 1 G A 16 ? ? 0.069 'SIDE CHAIN' 
7 1 C A 25 ? ? 0.093 'SIDE CHAIN' 
# 
loop_
_chem_comp_atom.comp_id 
_chem_comp_atom.atom_id 
_chem_comp_atom.type_symbol 
_chem_comp_atom.pdbx_aromatic_flag 
_chem_comp_atom.pdbx_stereo_config 
_chem_comp_atom.pdbx_ordinal 
A   OP3    O N N 1   
A   P      P N N 2   
A   OP1    O N N 3   
A   OP2    O N N 4   
A   "O5'"  O N N 5   
A   "C5'"  C N N 6   
A   "C4'"  C N R 7   
A   "O4'"  O N N 8   
A   "C3'"  C N S 9   
A   "O3'"  O N N 10  
A   "C2'"  C N R 11  
A   "O2'"  O N N 12  
A   "C1'"  C N R 13  
A   N9     N Y N 14  
A   C8     C Y N 15  
A   N7     N Y N 16  
A   C5     C Y N 17  
A   C6     C Y N 18  
A   N6     N N N 19  
A   N1     N Y N 20  
A   C2     C Y N 21  
A   N3     N Y N 22  
A   C4     C Y N 23  
A   HOP3   H N N 24  
A   HOP2   H N N 25  
A   "H5'"  H N N 26  
A   "H5''" H N N 27  
A   "H4'"  H N N 28  
A   "H3'"  H N N 29  
A   "HO3'" H N N 30  
A   "H2'"  H N N 31  
A   "HO2'" H N N 32  
A   "H1'"  H N N 33  
A   H8     H N N 34  
A   H61    H N N 35  
A   H62    H N N 36  
A   H2     H N N 37  
C   OP3    O N N 38  
C   P      P N N 39  
C   OP1    O N N 40  
C   OP2    O N N 41  
C   "O5'"  O N N 42  
C   "C5'"  C N N 43  
C   "C4'"  C N R 44  
C   "O4'"  O N N 45  
C   "C3'"  C N S 46  
C   "O3'"  O N N 47  
C   "C2'"  C N R 48  
C   "O2'"  O N N 49  
C   "C1'"  C N R 50  
C   N1     N N N 51  
C   C2     C N N 52  
C   O2     O N N 53  
C   N3     N N N 54  
C   C4     C N N 55  
C   N4     N N N 56  
C   C5     C N N 57  
C   C6     C N N 58  
C   HOP3   H N N 59  
C   HOP2   H N N 60  
C   "H5'"  H N N 61  
C   "H5''" H N N 62  
C   "H4'"  H N N 63  
C   "H3'"  H N N 64  
C   "HO3'" H N N 65  
C   "H2'"  H N N 66  
C   "HO2'" H N N 67  
C   "H1'"  H N N 68  
C   H41    H N N 69  
C   H42    H N N 70  
C   H5     H N N 71  
C   H6     H N N 72  
G   OP3    O N N 73  
G   P      P N N 74  
G   OP1    O N N 75  
G   OP2    O N N 76  
G   "O5'"  O N N 77  
G   "C5'"  C N N 78  
G   "C4'"  C N R 79  
G   "O4'"  O N N 80  
G   "C3'"  C N S 81  
G   "O3'"  O N N 82  
G   "C2'"  C N R 83  
G   "O2'"  O N N 84  
G   "C1'"  C N R 85  
G   N9     N Y N 86  
G   C8     C Y N 87  
G   N7     N Y N 88  
G   C5     C Y N 89  
G   C6     C N N 90  
G   O6     O N N 91  
G   N1     N N N 92  
G   C2     C N N 93  
G   N2     N N N 94  
G   N3     N N N 95  
G   C4     C Y N 96  
G   HOP3   H N N 97  
G   HOP2   H N N 98  
G   "H5'"  H N N 99  
G   "H5''" H N N 100 
G   "H4'"  H N N 101 
G   "H3'"  H N N 102 
G   "HO3'" H N N 103 
G   "H2'"  H N N 104 
G   "HO2'" H N N 105 
G   "H1'"  H N N 106 
G   H8     H N N 107 
G   H1     H N N 108 
G   H21    H N N 109 
G   H22    H N N 110 
HOH O      O N N 111 
HOH H1     H N N 112 
HOH H2     H N N 113 
U   OP3    O N N 114 
U   P      P N N 115 
U   OP1    O N N 116 
U   OP2    O N N 117 
U   "O5'"  O N N 118 
U   "C5'"  C N N 119 
U   "C4'"  C N R 120 
U   "O4'"  O N N 121 
U   "C3'"  C N S 122 
U   "O3'"  O N N 123 
U   "C2'"  C N R 124 
U   "O2'"  O N N 125 
U   "C1'"  C N R 126 
U   N1     N N N 127 
U   C2     C N N 128 
U   O2     O N N 129 
U   N3     N N N 130 
U   C4     C N N 131 
U   O4     O N N 132 
U   C5     C N N 133 
U   C6     C N N 134 
U   HOP3   H N N 135 
U   HOP2   H N N 136 
U   "H5'"  H N N 137 
U   "H5''" H N N 138 
U   "H4'"  H N N 139 
U   "H3'"  H N N 140 
U   "HO3'" H N N 141 
U   "H2'"  H N N 142 
U   "HO2'" H N N 143 
U   "H1'"  H N N 144 
U   H3     H N N 145 
U   H5     H N N 146 
U   H6     H N N 147 
# 
loop_
_chem_comp_bond.comp_id 
_chem_comp_bond.atom_id_1 
_chem_comp_bond.atom_id_2 
_chem_comp_bond.value_order 
_chem_comp_bond.pdbx_aromatic_flag 
_chem_comp_bond.pdbx_stereo_config 
_chem_comp_bond.pdbx_ordinal 
A   OP3   P      sing N N 1   
A   OP3   HOP3   sing N N 2   
A   P     OP1    doub N N 3   
A   P     OP2    sing N N 4   
A   P     "O5'"  sing N N 5   
A   OP2   HOP2   sing N N 6   
A   "O5'" "C5'"  sing N N 7   
A   "C5'" "C4'"  sing N N 8   
A   "C5'" "H5'"  sing N N 9   
A   "C5'" "H5''" sing N N 10  
A   "C4'" "O4'"  sing N N 11  
A   "C4'" "C3'"  sing N N 12  
A   "C4'" "H4'"  sing N N 13  
A   "O4'" "C1'"  sing N N 14  
A   "C3'" "O3'"  sing N N 15  
A   "C3'" "C2'"  sing N N 16  
A   "C3'" "H3'"  sing N N 17  
A   "O3'" "HO3'" sing N N 18  
A   "C2'" "O2'"  sing N N 19  
A   "C2'" "C1'"  sing N N 20  
A   "C2'" "H2'"  sing N N 21  
A   "O2'" "HO2'" sing N N 22  
A   "C1'" N9     sing N N 23  
A   "C1'" "H1'"  sing N N 24  
A   N9    C8     sing Y N 25  
A   N9    C4     sing Y N 26  
A   C8    N7     doub Y N 27  
A   C8    H8     sing N N 28  
A   N7    C5     sing Y N 29  
A   C5    C6     sing Y N 30  
A   C5    C4     doub Y N 31  
A   C6    N6     sing N N 32  
A   C6    N1     doub Y N 33  
A   N6    H61    sing N N 34  
A   N6    H62    sing N N 35  
A   N1    C2     sing Y N 36  
A   C2    N3     doub Y N 37  
A   C2    H2     sing N N 38  
A   N3    C4     sing Y N 39  
C   OP3   P      sing N N 40  
C   OP3   HOP3   sing N N 41  
C   P     OP1    doub N N 42  
C   P     OP2    sing N N 43  
C   P     "O5'"  sing N N 44  
C   OP2   HOP2   sing N N 45  
C   "O5'" "C5'"  sing N N 46  
C   "C5'" "C4'"  sing N N 47  
C   "C5'" "H5'"  sing N N 48  
C   "C5'" "H5''" sing N N 49  
C   "C4'" "O4'"  sing N N 50  
C   "C4'" "C3'"  sing N N 51  
C   "C4'" "H4'"  sing N N 52  
C   "O4'" "C1'"  sing N N 53  
C   "C3'" "O3'"  sing N N 54  
C   "C3'" "C2'"  sing N N 55  
C   "C3'" "H3'"  sing N N 56  
C   "O3'" "HO3'" sing N N 57  
C   "C2'" "O2'"  sing N N 58  
C   "C2'" "C1'"  sing N N 59  
C   "C2'" "H2'"  sing N N 60  
C   "O2'" "HO2'" sing N N 61  
C   "C1'" N1     sing N N 62  
C   "C1'" "H1'"  sing N N 63  
C   N1    C2     sing N N 64  
C   N1    C6     sing N N 65  
C   C2    O2     doub N N 66  
C   C2    N3     sing N N 67  
C   N3    C4     doub N N 68  
C   C4    N4     sing N N 69  
C   C4    C5     sing N N 70  
C   N4    H41    sing N N 71  
C   N4    H42    sing N N 72  
C   C5    C6     doub N N 73  
C   C5    H5     sing N N 74  
C   C6    H6     sing N N 75  
G   OP3   P      sing N N 76  
G   OP3   HOP3   sing N N 77  
G   P     OP1    doub N N 78  
G   P     OP2    sing N N 79  
G   P     "O5'"  sing N N 80  
G   OP2   HOP2   sing N N 81  
G   "O5'" "C5'"  sing N N 82  
G   "C5'" "C4'"  sing N N 83  
G   "C5'" "H5'"  sing N N 84  
G   "C5'" "H5''" sing N N 85  
G   "C4'" "O4'"  sing N N 86  
G   "C4'" "C3'"  sing N N 87  
G   "C4'" "H4'"  sing N N 88  
G   "O4'" "C1'"  sing N N 89  
G   "C3'" "O3'"  sing N N 90  
G   "C3'" "C2'"  sing N N 91  
G   "C3'" "H3'"  sing N N 92  
G   "O3'" "HO3'" sing N N 93  
G   "C2'" "O2'"  sing N N 94  
G   "C2'" "C1'"  sing N N 95  
G   "C2'" "H2'"  sing N N 96  
G   "O2'" "HO2'" sing N N 97  
G   "C1'" N9     sing N N 98  
G   "C1'" "H1'"  sing N N 99  
G   N9    C8     sing Y N 100 
G   N9    C4     sing Y N 101 
G   C8    N7     doub Y N 102 
G   C8    H8     sing N N 103 
G   N7    C5     sing Y N 104 
G   C5    C6     sing N N 105 
G   C5    C4     doub Y N 106 
G   C6    O6     doub N N 107 
G   C6    N1     sing N N 108 
G   N1    C2     sing N N 109 
G   N1    H1     sing N N 110 
G   C2    N2     sing N N 111 
G   C2    N3     doub N N 112 
G   N2    H21    sing N N 113 
G   N2    H22    sing N N 114 
G   N3    C4     sing N N 115 
HOH O     H1     sing N N 116 
HOH O     H2     sing N N 117 
U   OP3   P      sing N N 118 
U   OP3   HOP3   sing N N 119 
U   P     OP1    doub N N 120 
U   P     OP2    sing N N 121 
U   P     "O5'"  sing N N 122 
U   OP2   HOP2   sing N N 123 
U   "O5'" "C5'"  sing N N 124 
U   "C5'" "C4'"  sing N N 125 
U   "C5'" "H5'"  sing N N 126 
U   "C5'" "H5''" sing N N 127 
U   "C4'" "O4'"  sing N N 128 
U   "C4'" "C3'"  sing N N 129 
U   "C4'" "H4'"  sing N N 130 
U   "O4'" "C1'"  sing N N 131 
U   "C3'" "O3'"  sing N N 132 
U   "C3'" "C2'"  sing N N 133 
U   "C3'" "H3'"  sing N N 134 
U   "O3'" "HO3'" sing N N 135 
U   "C2'" "O2'"  sing N N 136 
U   "C2'" "C1'"  sing N N 137 
U   "C2'" "H2'"  sing N N 138 
U   "O2'" "HO2'" sing N N 139 
U   "C1'" N1     sing N N 140 
U   "C1'" "H1'"  sing N N 141 
U   N1    C2     sing N N 142 
U   N1    C6     sing N N 143 
U   C2    O2     doub N N 144 
U   C2    N3     sing N N 145 
U   N3    C4     sing N N 146 
U   N3    H3     sing N N 147 
U   C4    O4     doub N N 148 
U   C4    C5     sing N N 149 
U   C5    C6     doub N N 150 
U   C5    H5     sing N N 151 
U   C6    H6     sing N N 152 
# 
loop_
_ndb_struct_conf_na.entry_id 
_ndb_struct_conf_na.feature 
387D 'double helix'         
387D 'hairpin loop'         
387D 'mismatched base pair' 
# 
loop_
_ndb_struct_na_base_pair.model_number 
_ndb_struct_na_base_pair.i_label_asym_id 
_ndb_struct_na_base_pair.i_label_comp_id 
_ndb_struct_na_base_pair.i_label_seq_id 
_ndb_struct_na_base_pair.i_symmetry 
_ndb_struct_na_base_pair.j_label_asym_id 
_ndb_struct_na_base_pair.j_label_comp_id 
_ndb_struct_na_base_pair.j_label_seq_id 
_ndb_struct_na_base_pair.j_symmetry 
_ndb_struct_na_base_pair.shear 
_ndb_struct_na_base_pair.stretch 
_ndb_struct_na_base_pair.stagger 
_ndb_struct_na_base_pair.buckle 
_ndb_struct_na_base_pair.propeller 
_ndb_struct_na_base_pair.opening 
_ndb_struct_na_base_pair.pair_number 
_ndb_struct_na_base_pair.pair_name 
_ndb_struct_na_base_pair.i_auth_asym_id 
_ndb_struct_na_base_pair.i_auth_seq_id 
_ndb_struct_na_base_pair.i_PDB_ins_code 
_ndb_struct_na_base_pair.j_auth_asym_id 
_ndb_struct_na_base_pair.j_auth_seq_id 
_ndb_struct_na_base_pair.j_PDB_ins_code 
_ndb_struct_na_base_pair.hbond_type_28 
_ndb_struct_na_base_pair.hbond_type_12 
1 A U 1 1_555 A A 18 1_555 -0.481 0.090  1.105 -0.358  -5.449  14.074   1 A_U1:A18_A A 1 ? A 18 ? ?  ? 
1 A C 2 1_555 A G 15 1_555 0.361  -0.492 0.607 -7.221  -25.282 -1.335   2 A_C2:G15_A A 2 ? A 15 ? 19 1 
1 A C 3 1_555 A G 14 1_555 -0.074 -0.276 0.848 -34.730 1.885   -3.427   3 A_C3:G14_A A 3 ? A 14 ? 19 1 
1 A G 4 1_555 A C 13 1_555 0.088  -0.206 0.656 18.089  -4.598  -3.478   4 A_G4:C13_A A 4 ? A 13 ? 19 1 
1 A A 5 1_555 A A 12 1_555 1.976  0.901  0.338 -15.670 29.727  -173.849 5 A_A5:A12_A A 5 ? A 12 ? ?  ? 
# 
loop_
_ndb_struct_na_base_pair_step.model_number 
_ndb_struct_na_base_pair_step.i_label_asym_id_1 
_ndb_struct_na_base_pair_step.i_label_comp_id_1 
_ndb_struct_na_base_pair_step.i_label_seq_id_1 
_ndb_struct_na_base_pair_step.i_symmetry_1 
_ndb_struct_na_base_pair_step.j_label_asym_id_1 
_ndb_struct_na_base_pair_step.j_label_comp_id_1 
_ndb_struct_na_base_pair_step.j_label_seq_id_1 
_ndb_struct_na_base_pair_step.j_symmetry_1 
_ndb_struct_na_base_pair_step.i_label_asym_id_2 
_ndb_struct_na_base_pair_step.i_label_comp_id_2 
_ndb_struct_na_base_pair_step.i_label_seq_id_2 
_ndb_struct_na_base_pair_step.i_symmetry_2 
_ndb_struct_na_base_pair_step.j_label_asym_id_2 
_ndb_struct_na_base_pair_step.j_label_comp_id_2 
_ndb_struct_na_base_pair_step.j_label_seq_id_2 
_ndb_struct_na_base_pair_step.j_symmetry_2 
_ndb_struct_na_base_pair_step.shift 
_ndb_struct_na_base_pair_step.slide 
_ndb_struct_na_base_pair_step.rise 
_ndb_struct_na_base_pair_step.tilt 
_ndb_struct_na_base_pair_step.roll 
_ndb_struct_na_base_pair_step.twist 
_ndb_struct_na_base_pair_step.x_displacement 
_ndb_struct_na_base_pair_step.y_displacement 
_ndb_struct_na_base_pair_step.helical_rise 
_ndb_struct_na_base_pair_step.inclination 
_ndb_struct_na_base_pair_step.tip 
_ndb_struct_na_base_pair_step.helical_twist 
_ndb_struct_na_base_pair_step.step_number 
_ndb_struct_na_base_pair_step.step_name 
_ndb_struct_na_base_pair_step.i_auth_asym_id_1 
_ndb_struct_na_base_pair_step.i_auth_seq_id_1 
_ndb_struct_na_base_pair_step.i_PDB_ins_code_1 
_ndb_struct_na_base_pair_step.j_auth_asym_id_1 
_ndb_struct_na_base_pair_step.j_auth_seq_id_1 
_ndb_struct_na_base_pair_step.j_PDB_ins_code_1 
_ndb_struct_na_base_pair_step.i_auth_asym_id_2 
_ndb_struct_na_base_pair_step.i_auth_seq_id_2 
_ndb_struct_na_base_pair_step.i_PDB_ins_code_2 
_ndb_struct_na_base_pair_step.j_auth_asym_id_2 
_ndb_struct_na_base_pair_step.j_auth_seq_id_2 
_ndb_struct_na_base_pair_step.j_PDB_ins_code_2 
1 A U 1 1_555 A A 18 1_555 A C 2 1_555 A G 15 1_555 0.952  -1.509 2.947 4.803   3.993    55.940   -1.803 -0.765 2.908 4.242  
-5.102  56.260   1 AA_U1C2:G15A18_AA A 1 ? A 18 ? A 2 ? A 15 ? 
1 A C 2 1_555 A G 15 1_555 A C 3 1_555 A G 14 1_555 0.769  -0.765 3.865 1.490   8.774    41.308   -2.111 -0.890 3.660 12.266 
-2.083  42.214   2 AA_C2C3:G14G15_AA A 2 ? A 15 ? A 3 ? A 14 ? 
1 A C 3 1_555 A G 14 1_555 A G 4 1_555 A C 13 1_555 -1.316 -1.218 1.786 -0.369  0.341    23.813   -3.012 3.123  1.789 0.826  0.895 
23.818   3 AA_C3G4:C13G14_AA A 3 ? A 14 ? A 4 ? A 13 ? 
1 A G 4 1_555 A C 13 1_555 A A 5 1_555 A A 12 1_555 3.343  -0.926 0.351 -88.931 -144.899 -133.633 0.555  1.616  0.699 72.792 
-44.675 -176.073 4 AA_G4A5:A12C13_AA A 4 ? A 13 ? A 5 ? A 12 ? 
# 
_atom_sites.entry_id                    387D 
_atom_sites.fract_transf_matrix[1][1]   0.00558305 
_atom_sites.fract_transf_matrix[1][2]   0.01368233 
_atom_sites.fract_transf_matrix[1][3]   0.00672059 
_atom_sites.fract_transf_matrix[2][1]   -0.01061772 
_atom_sites.fract_transf_matrix[2][2]   0.00862589 
_atom_sites.fract_transf_matrix[2][3]   -0.00874075 
_atom_sites.fract_transf_matrix[3][1]   -0.00681240 
_atom_sites.fract_transf_matrix[3][2]   -0.00086542 
_atom_sites.fract_transf_matrix[3][3]   0.00742122 
_atom_sites.fract_transf_vector[1]      0.701821 
_atom_sites.fract_transf_vector[2]      0.648382 
_atom_sites.fract_transf_vector[3]      0.662532 
# 
loop_
_atom_type.symbol 
C 
N 
O 
P 
# 
loop_
_atom_site.group_PDB 
_atom_site.id 
_atom_site.type_symbol 
_atom_site.label_atom_id 
_atom_site.label_alt_id 
_atom_site.label_comp_id 
_atom_site.label_asym_id 
_atom_site.label_entity_id 
_atom_site.label_seq_id 
_atom_site.pdbx_PDB_ins_code 
_atom_site.Cartn_x 
_atom_site.Cartn_y 
_atom_site.Cartn_z 
_atom_site.occupancy 
_atom_site.B_iso_or_equiv 
_atom_site.pdbx_formal_charge 
_atom_site.auth_seq_id 
_atom_site.auth_comp_id 
_atom_site.auth_asym_id 
_atom_site.auth_atom_id 
_atom_site.pdbx_PDB_model_num 
ATOM   1   O "O5'" . U   A 1 1  ? -8.393  -3.003  11.280 1.00 35.50 ? 1  U   A "O5'" 1 
ATOM   2   C "C5'" . U   A 1 1  ? -7.778  -3.213  12.558 1.00 29.91 ? 1  U   A "C5'" 1 
ATOM   3   C "C4'" . U   A 1 1  ? -6.466  -2.468  12.612 1.00 30.98 ? 1  U   A "C4'" 1 
ATOM   4   O "O4'" . U   A 1 1  ? -5.428  -3.412  12.952 1.00 31.82 ? 1  U   A "O4'" 1 
ATOM   5   C "C3'" . U   A 1 1  ? -6.028  -1.830  11.298 1.00 25.41 ? 1  U   A "C3'" 1 
ATOM   6   O "O3'" . U   A 1 1  ? -6.393  -0.468  11.204 1.00 29.68 ? 1  U   A "O3'" 1 
ATOM   7   C "C2'" . U   A 1 1  ? -4.523  -1.940  11.354 1.00 28.37 ? 1  U   A "C2'" 1 
ATOM   8   O "O2'" . U   A 1 1  ? -3.939  -0.909  12.128 1.00 32.84 ? 1  U   A "O2'" 1 
ATOM   9   C "C1'" . U   A 1 1  ? -4.366  -3.291  12.038 1.00 26.42 ? 1  U   A "C1'" 1 
ATOM   10  N N1    . U   A 1 1  ? -4.543  -4.356  11.054 1.00 25.99 ? 1  U   A N1    1 
ATOM   11  C C2    . U   A 1 1  ? -3.652  -4.414  10.040 1.00 28.84 ? 1  U   A C2    1 
ATOM   12  O O2    . U   A 1 1  ? -2.763  -3.610  9.923  1.00 44.35 ? 1  U   A O2    1 
ATOM   13  N N3    . U   A 1 1  ? -3.828  -5.448  9.166  1.00 27.88 ? 1  U   A N3    1 
ATOM   14  C C4    . U   A 1 1  ? -4.811  -6.397  9.210  1.00 32.10 ? 1  U   A C4    1 
ATOM   15  O O4    . U   A 1 1  ? -4.836  -7.293  8.361  1.00 35.42 ? 1  U   A O4    1 
ATOM   16  C C5    . U   A 1 1  ? -5.720  -6.248  10.291 1.00 33.25 ? 1  U   A C5    1 
ATOM   17  C C6    . U   A 1 1  ? -5.559  -5.256  11.153 1.00 30.73 ? 1  U   A C6    1 
ATOM   18  P P     . C   A 1 2  ? -6.714  0.157   9.761  1.00 43.76 ? 2  C   A P     1 
ATOM   19  O OP1   . C   A 1 2  ? -6.768  1.655   9.899  1.00 31.22 ? 2  C   A OP1   1 
ATOM   20  O OP2   . C   A 1 2  ? -7.894  -0.596  9.174  1.00 28.72 ? 2  C   A OP2   1 
ATOM   21  O "O5'" . C   A 1 2  ? -5.401  -0.179  8.920  1.00 47.96 ? 2  C   A "O5'" 1 
ATOM   22  C "C5'" . C   A 1 2  ? -4.180  0.563   9.141  1.00 44.14 ? 2  C   A "C5'" 1 
ATOM   23  C "C4'" . C   A 1 2  ? -3.150  0.204   8.102  1.00 34.22 ? 2  C   A "C4'" 1 
ATOM   24  O "O4'" . C   A 1 2  ? -2.763  -1.171  8.272  1.00 39.01 ? 2  C   A "O4'" 1 
ATOM   25  C "C3'" . C   A 1 2  ? -3.645  0.281   6.682  1.00 28.14 ? 2  C   A "C3'" 1 
ATOM   26  O "O3'" . C   A 1 2  ? -3.487  1.592   6.239  1.00 27.20 ? 2  C   A "O3'" 1 
ATOM   27  C "C2'" . C   A 1 2  ? -2.756  -0.709  5.948  1.00 29.16 ? 2  C   A "C2'" 1 
ATOM   28  O "O2'" . C   A 1 2  ? -1.474  -0.224  5.633  1.00 31.54 ? 2  C   A "O2'" 1 
ATOM   29  C "C1'" . C   A 1 2  ? -2.550  -1.769  7.016  1.00 30.60 ? 2  C   A "C1'" 1 
ATOM   30  N N1    . C   A 1 2  ? -3.520  -2.831  6.862  1.00 26.98 ? 2  C   A N1    1 
ATOM   31  C C2    . C   A 1 2  ? -3.266  -3.793  5.932  1.00 32.50 ? 2  C   A C2    1 
ATOM   32  O O2    . C   A 1 2  ? -2.170  -3.760  5.351  1.00 49.26 ? 2  C   A O2    1 
ATOM   33  N N3    . C   A 1 2  ? -4.196  -4.745  5.685  1.00 23.55 ? 2  C   A N3    1 
ATOM   34  C C4    . C   A 1 2  ? -5.332  -4.747  6.376  1.00 25.19 ? 2  C   A C4    1 
ATOM   35  N N4    . C   A 1 2  ? -6.247  -5.660  6.088  1.00 27.61 ? 2  C   A N4    1 
ATOM   36  C C5    . C   A 1 2  ? -5.588  -3.796  7.396  1.00 34.98 ? 2  C   A C5    1 
ATOM   37  C C6    . C   A 1 2  ? -4.663  -2.859  7.601  1.00 32.02 ? 2  C   A C6    1 
ATOM   38  P P     . C   A 1 3  ? -4.461  2.141   5.104  1.00 29.33 ? 3  C   A P     1 
ATOM   39  O OP1   . C   A 1 3  ? -4.003  3.541   4.969  1.00 18.17 ? 3  C   A OP1   1 
ATOM   40  O OP2   . C   A 1 3  ? -5.883  1.854   5.423  1.00 28.74 ? 3  C   A OP2   1 
ATOM   41  O "O5'" . C   A 1 3  ? -4.077  1.242   3.836  1.00 29.64 ? 3  C   A "O5'" 1 
ATOM   42  C "C5'" . C   A 1 3  ? -2.769  1.359   3.250  1.00 28.20 ? 3  C   A "C5'" 1 
ATOM   43  C "C4'" . C   A 1 3  ? -2.560  0.343   2.161  1.00 21.20 ? 3  C   A "C4'" 1 
ATOM   44  O "O4'" . C   A 1 3  ? -2.544  -0.985  2.703  1.00 21.91 ? 3  C   A "O4'" 1 
ATOM   45  C "C3'" . C   A 1 3  ? -3.627  0.330   1.106  1.00 19.37 ? 3  C   A "C3'" 1 
ATOM   46  O "O3'" . C   A 1 3  ? -3.297  1.264   0.138  1.00 23.80 ? 3  C   A "O3'" 1 
ATOM   47  C "C2'" . C   A 1 3  ? -3.568  -1.083  0.561  1.00 22.76 ? 3  C   A "C2'" 1 
ATOM   48  O "O2'" . C   A 1 3  ? -2.583  -1.310  -0.403 1.00 22.09 ? 3  C   A "O2'" 1 
ATOM   49  C "C1'" . C   A 1 3  ? -3.177  -1.862  1.803  1.00 26.99 ? 3  C   A "C1'" 1 
ATOM   50  N N1    . C   A 1 3  ? -4.372  -2.340  2.461  1.00 36.47 ? 3  C   A N1    1 
ATOM   51  C C2    . C   A 1 3  ? -5.094  -3.372  1.865  1.00 40.01 ? 3  C   A C2    1 
ATOM   52  O O2    . C   A 1 3  ? -4.723  -3.796  0.756  1.00 44.10 ? 3  C   A O2    1 
ATOM   53  N N3    . C   A 1 3  ? -6.165  -3.869  2.500  1.00 38.37 ? 3  C   A N3    1 
ATOM   54  C C4    . C   A 1 3  ? -6.521  -3.364  3.682  1.00 38.69 ? 3  C   A C4    1 
ATOM   55  N N4    . C   A 1 3  ? -7.557  -3.902  4.302  1.00 39.43 ? 3  C   A N4    1 
ATOM   56  C C5    . C   A 1 3  ? -5.817  -2.281  4.291  1.00 41.25 ? 3  C   A C5    1 
ATOM   57  C C6    . C   A 1 3  ? -4.764  -1.800  3.649  1.00 33.15 ? 3  C   A C6    1 
ATOM   58  P P     . G   A 1 4  ? -4.455  1.871   -0.747 1.00 32.73 ? 4  G   A P     1 
ATOM   59  O OP1   . G   A 1 4  ? -3.919  3.081   -1.427 1.00 36.45 ? 4  G   A OP1   1 
ATOM   60  O OP2   . G   A 1 4  ? -5.614  2.005   0.172  1.00 38.25 ? 4  G   A OP2   1 
ATOM   61  O "O5'" . G   A 1 4  ? -4.729  0.693   -1.787 1.00 21.56 ? 4  G   A "O5'" 1 
ATOM   62  C "C5'" . G   A 1 4  ? -3.634  0.033   -2.422 1.00 13.09 ? 4  G   A "C5'" 1 
ATOM   63  C "C4'" . G   A 1 4  ? -4.125  -1.098  -3.292 1.00 10.49 ? 4  G   A "C4'" 1 
ATOM   64  O "O4'" . G   A 1 4  ? -4.358  -2.292  -2.527 1.00 6.17  ? 4  G   A "O4'" 1 
ATOM   65  C "C3'" . G   A 1 4  ? -5.395  -0.834  -4.070 1.00 8.11  ? 4  G   A "C3'" 1 
ATOM   66  O "O3'" . G   A 1 4  ? -4.975  -0.253  -5.265 1.00 16.32 ? 4  G   A "O3'" 1 
ATOM   67  C "C2'" . G   A 1 4  ? -5.945  -2.235  -4.314 1.00 17.12 ? 4  G   A "C2'" 1 
ATOM   68  O "O2'" . G   A 1 4  ? -5.427  -2.892  -5.462 1.00 18.89 ? 4  G   A "O2'" 1 
ATOM   69  C "C1'" . G   A 1 4  ? -5.467  -2.981  -3.069 1.00 16.26 ? 4  G   A "C1'" 1 
ATOM   70  N N9    . G   A 1 4  ? -6.449  -3.077  -2.004 1.00 20.43 ? 4  G   A N9    1 
ATOM   71  C C8    . G   A 1 4  ? -6.788  -2.097  -1.110 1.00 20.03 ? 4  G   A C8    1 
ATOM   72  N N7    . G   A 1 4  ? -7.574  -2.521  -0.169 1.00 23.81 ? 4  G   A N7    1 
ATOM   73  C C5    . G   A 1 4  ? -7.793  -3.851  -0.485 1.00 26.54 ? 4  G   A C5    1 
ATOM   74  C C6    . G   A 1 4  ? -8.544  -4.842  0.193  1.00 34.79 ? 4  G   A C6    1 
ATOM   75  O O6    . G   A 1 4  ? -9.180  -4.736  1.251  1.00 37.07 ? 4  G   A O6    1 
ATOM   76  N N1    . G   A 1 4  ? -8.504  -6.057  -0.481 1.00 31.51 ? 4  G   A N1    1 
ATOM   77  C C2    . G   A 1 4  ? -7.824  -6.276  -1.649 1.00 29.69 ? 4  G   A C2    1 
ATOM   78  N N2    . G   A 1 4  ? -7.908  -7.496  -2.153 1.00 36.23 ? 4  G   A N2    1 
ATOM   79  N N3    . G   A 1 4  ? -7.116  -5.364  -2.280 1.00 20.11 ? 4  G   A N3    1 
ATOM   80  C C4    . G   A 1 4  ? -7.142  -4.188  -1.645 1.00 18.39 ? 4  G   A C4    1 
ATOM   81  P P     . A   A 1 5  ? -6.037  0.363   -6.270 1.00 24.48 ? 5  A   A P     1 
ATOM   82  O OP1   . A   A 1 5  ? -6.723  -0.794  -6.953 1.00 12.98 ? 5  A   A OP1   1 
ATOM   83  O OP2   . A   A 1 5  ? -5.327  1.352   -7.098 1.00 34.57 ? 5  A   A OP2   1 
ATOM   84  O "O5'" . A   A 1 5  ? -6.949  1.233   -5.307 1.00 23.35 ? 5  A   A "O5'" 1 
ATOM   85  C "C5'" . A   A 1 5  ? -7.472  2.501   -5.765 1.00 26.90 ? 5  A   A "C5'" 1 
ATOM   86  C "C4'" . A   A 1 5  ? -8.504  2.995   -4.801 1.00 22.16 ? 5  A   A "C4'" 1 
ATOM   87  O "O4'" . A   A 1 5  ? -9.529  1.971   -4.689 1.00 23.68 ? 5  A   A "O4'" 1 
ATOM   88  C "C3'" . A   A 1 5  ? -7.884  3.153   -3.432 1.00 18.27 ? 5  A   A "C3'" 1 
ATOM   89  O "O3'" . A   A 1 5  ? -8.650  4.083   -2.717 1.00 24.25 ? 5  A   A "O3'" 1 
ATOM   90  C "C2'" . A   A 1 5  ? -8.139  1.808   -2.793 1.00 27.71 ? 5  A   A "C2'" 1 
ATOM   91  O "O2'" . A   A 1 5  ? -8.204  1.977   -1.393 1.00 39.25 ? 5  A   A "O2'" 1 
ATOM   92  C "C1'" . A   A 1 5  ? -9.503  1.433   -3.391 1.00 27.41 ? 5  A   A "C1'" 1 
ATOM   93  N N9    . A   A 1 5  ? -9.674  -0.008  -3.492 1.00 21.46 ? 5  A   A N9    1 
ATOM   94  C C8    . A   A 1 5  ? -9.296  -0.810  -4.514 1.00 27.37 ? 5  A   A C8    1 
ATOM   95  N N7    . A   A 1 5  ? -9.435  -2.089  -4.265 1.00 34.03 ? 5  A   A N7    1 
ATOM   96  C C5    . A   A 1 5  ? -9.974  -2.122  -2.994 1.00 29.77 ? 5  A   A C5    1 
ATOM   97  C C6    . A   A 1 5  ? -10.331 -3.184  -2.142 1.00 26.09 ? 5  A   A C6    1 
ATOM   98  N N6    . A   A 1 5  ? -10.115 -4.466  -2.412 1.00 20.80 ? 5  A   A N6    1 
ATOM   99  N N1    . A   A 1 5  ? -10.898 -2.871  -0.965 1.00 28.10 ? 5  A   A N1    1 
ATOM   100 C C2    . A   A 1 5  ? -11.051 -1.580  -0.654 1.00 33.28 ? 5  A   A C2    1 
ATOM   101 N N3    . A   A 1 5  ? -10.717 -0.496  -1.351 1.00 30.52 ? 5  A   A N3    1 
ATOM   102 C C4    . A   A 1 5  ? -10.177 -0.843  -2.527 1.00 27.58 ? 5  A   A C4    1 
ATOM   103 P P     . A   A 1 6  ? -8.326  5.625   -2.840 1.00 37.00 ? 6  A   A P     1 
ATOM   104 O OP1   . A   A 1 6  ? -6.860  5.744   -2.946 1.00 42.16 ? 6  A   A OP1   1 
ATOM   105 O OP2   . A   A 1 6  ? -9.053  6.350   -1.771 1.00 43.78 ? 6  A   A OP2   1 
ATOM   106 O "O5'" . A   A 1 6  ? -8.944  6.009   -4.237 1.00 23.59 ? 6  A   A "O5'" 1 
ATOM   107 C "C5'" . A   A 1 6  ? -10.314 6.305   -4.351 1.00 19.66 ? 6  A   A "C5'" 1 
ATOM   108 C "C4'" . A   A 1 6  ? -10.783 5.838   -5.673 1.00 19.57 ? 6  A   A "C4'" 1 
ATOM   109 O "O4'" . A   A 1 6  ? -10.693 4.389   -5.715 1.00 27.68 ? 6  A   A "O4'" 1 
ATOM   110 C "C3'" . A   A 1 6  ? -12.197 6.210   -6.027 1.00 21.61 ? 6  A   A "C3'" 1 
ATOM   111 O "O3'" . A   A 1 6  ? -12.194 6.526   -7.386 1.00 25.33 ? 6  A   A "O3'" 1 
ATOM   112 C "C2'" . A   A 1 6  ? -12.973 4.920   -5.804 1.00 31.03 ? 6  A   A "C2'" 1 
ATOM   113 O "O2'" . A   A 1 6  ? -14.031 4.822   -6.720 1.00 41.74 ? 6  A   A "O2'" 1 
ATOM   114 C "C1'" . A   A 1 6  ? -11.934 3.841   -6.110 1.00 31.91 ? 6  A   A "C1'" 1 
ATOM   115 N N9    . A   A 1 6  ? -12.174 2.631   -5.322 1.00 36.40 ? 6  A   A N9    1 
ATOM   116 C C8    . A   A 1 6  ? -12.553 2.583   -4.007 1.00 46.95 ? 6  A   A C8    1 
ATOM   117 N N7    . A   A 1 6  ? -12.665 1.366   -3.530 1.00 45.70 ? 6  A   A N7    1 
ATOM   118 C C5    . A   A 1 6  ? -12.340 0.562   -4.606 1.00 35.51 ? 6  A   A C5    1 
ATOM   119 C C6    . A   A 1 6  ? -12.271 -0.821  -4.743 1.00 34.30 ? 6  A   A C6    1 
ATOM   120 N N6    . A   A 1 6  ? -12.507 -1.668  -3.751 1.00 43.60 ? 6  A   A N6    1 
ATOM   121 N N1    . A   A 1 6  ? -11.951 -1.317  -5.943 1.00 26.01 ? 6  A   A N1    1 
ATOM   122 C C2    . A   A 1 6  ? -11.717 -0.463  -6.931 1.00 38.69 ? 6  A   A C2    1 
ATOM   123 N N3    . A   A 1 6  ? -11.742 0.871   -6.927 1.00 40.48 ? 6  A   A N3    1 
ATOM   124 C C4    . A   A 1 6  ? -12.058 1.325   -5.719 1.00 33.52 ? 6  A   A C4    1 
ATOM   125 P P     . G   A 1 7  ? -12.164 8.052   -7.823 1.00 37.06 ? 7  G   A P     1 
ATOM   126 O OP1   . G   A 1 7  ? -12.481 8.103   -9.279 1.00 35.78 ? 7  G   A OP1   1 
ATOM   127 O OP2   . G   A 1 7  ? -10.923 8.679   -7.321 1.00 36.15 ? 7  G   A OP2   1 
ATOM   128 O "O5'" . G   A 1 7  ? -13.366 8.654   -6.984 1.00 37.43 ? 7  G   A "O5'" 1 
ATOM   129 C "C5'" . G   A 1 7  ? -13.533 10.051  -6.891 1.00 37.30 ? 7  G   A "C5'" 1 
ATOM   130 C "C4'" . G   A 1 7  ? -14.733 10.372  -6.047 1.00 35.96 ? 7  G   A "C4'" 1 
ATOM   131 O "O4'" . G   A 1 7  ? -15.957 10.122  -6.771 1.00 37.72 ? 7  G   A "O4'" 1 
ATOM   132 C "C3'" . G   A 1 7  ? -14.892 9.552   -4.795 1.00 32.37 ? 7  G   A "C3'" 1 
ATOM   133 O "O3'" . G   A 1 7  ? -14.072 10.051  -3.780 1.00 34.39 ? 7  G   A "O3'" 1 
ATOM   134 C "C2'" . G   A 1 7  ? -16.371 9.726   -4.460 1.00 34.40 ? 7  G   A "C2'" 1 
ATOM   135 O "O2'" . G   A 1 7  ? -16.648 10.887  -3.707 1.00 38.29 ? 7  G   A "O2'" 1 
ATOM   136 C "C1'" . G   A 1 7  ? -16.991 9.886   -5.844 1.00 34.44 ? 7  G   A "C1'" 1 
ATOM   137 N N9    . G   A 1 7  ? -17.759 8.720   -6.252 1.00 39.88 ? 7  G   A N9    1 
ATOM   138 C C8    . G   A 1 7  ? -17.531 7.837   -7.289 1.00 41.06 ? 7  G   A C8    1 
ATOM   139 N N7    . G   A 1 7  ? -18.436 6.903   -7.367 1.00 39.69 ? 7  G   A N7    1 
ATOM   140 C C5    . G   A 1 7  ? -19.303 7.190   -6.319 1.00 45.53 ? 7  G   A C5    1 
ATOM   141 C C6    . G   A 1 7  ? -20.469 6.535   -5.890 1.00 50.23 ? 7  G   A C6    1 
ATOM   142 O O6    . G   A 1 7  ? -20.991 5.524   -6.361 1.00 60.97 ? 7  G   A O6    1 
ATOM   143 N N1    . G   A 1 7  ? -21.040 7.169   -4.785 1.00 46.42 ? 7  G   A N1    1 
ATOM   144 C C2    . G   A 1 7  ? -20.536 8.286   -4.166 1.00 48.73 ? 7  G   A C2    1 
ATOM   145 N N2    . G   A 1 7  ? -21.212 8.757   -3.092 1.00 53.88 ? 7  G   A N2    1 
ATOM   146 N N3    . G   A 1 7  ? -19.445 8.903   -4.559 1.00 48.46 ? 7  G   A N3    1 
ATOM   147 C C4    . G   A 1 7  ? -18.886 8.306   -5.630 1.00 44.74 ? 7  G   A C4    1 
ATOM   148 P P     . U   A 1 8  ? -13.756 9.119   -2.531 1.00 43.60 ? 8  U   A P     1 
ATOM   149 O OP1   . U   A 1 8  ? -12.698 9.791   -1.753 1.00 54.33 ? 8  U   A OP1   1 
ATOM   150 O OP2   . U   A 1 8  ? -13.517 7.750   -3.067 1.00 44.64 ? 8  U   A OP2   1 
ATOM   151 O "O5'" . U   A 1 8  ? -15.120 9.127   -1.704 1.00 41.48 ? 8  U   A "O5'" 1 
ATOM   152 C "C5'" . U   A 1 8  ? -15.526 10.279  -0.936 1.00 38.06 ? 8  U   A "C5'" 1 
ATOM   153 C "C4'" . U   A 1 8  ? -16.830 9.989   -0.234 1.00 43.72 ? 8  U   A "C4'" 1 
ATOM   154 O "O4'" . U   A 1 8  ? -17.829 9.723   -1.248 1.00 49.62 ? 8  U   A "O4'" 1 
ATOM   155 C "C3'" . U   A 1 8  ? -16.833 8.732   0.617  1.00 52.58 ? 8  U   A "C3'" 1 
ATOM   156 O "O3'" . U   A 1 8  ? -16.357 8.925   1.934  1.00 58.08 ? 8  U   A "O3'" 1 
ATOM   157 C "C2'" . U   A 1 8  ? -18.287 8.284   0.598  1.00 50.12 ? 8  U   A "C2'" 1 
ATOM   158 O "O2'" . U   A 1 8  ? -19.105 8.908   1.561  1.00 53.70 ? 8  U   A "O2'" 1 
ATOM   159 C "C1'" . U   A 1 8  ? -18.712 8.705   -0.803 1.00 47.94 ? 8  U   A "C1'" 1 
ATOM   160 N N1    . U   A 1 8  ? -18.626 7.582   -1.740 1.00 38.52 ? 8  U   A N1    1 
ATOM   161 C C2    . U   A 1 8  ? -19.591 6.595   -1.644 1.00 32.82 ? 8  U   A C2    1 
ATOM   162 O O2    . U   A 1 8  ? -20.483 6.637   -0.823 1.00 33.55 ? 8  U   A O2    1 
ATOM   163 N N3    . U   A 1 8  ? -19.469 5.568   -2.550 1.00 30.68 ? 8  U   A N3    1 
ATOM   164 C C4    . U   A 1 8  ? -18.487 5.438   -3.524 1.00 41.74 ? 8  U   A C4    1 
ATOM   165 O O4    . U   A 1 8  ? -18.468 4.439   -4.249 1.00 41.47 ? 8  U   A O4    1 
ATOM   166 C C5    . U   A 1 8  ? -17.530 6.509   -3.548 1.00 47.32 ? 8  U   A C5    1 
ATOM   167 C C6    . U   A 1 8  ? -17.629 7.515   -2.677 1.00 38.76 ? 8  U   A C6    1 
ATOM   168 P P     . G   A 1 9  ? -15.696 7.681   2.721  1.00 57.43 ? 9  G   A P     1 
ATOM   169 O OP1   . G   A 1 9  ? -15.232 8.317   3.987  1.00 62.23 ? 9  G   A OP1   1 
ATOM   170 O OP2   . G   A 1 9  ? -14.721 6.981   1.857  1.00 61.94 ? 9  G   A OP2   1 
ATOM   171 O "O5'" . G   A 1 9  ? -16.912 6.671   2.975  1.00 48.03 ? 9  G   A "O5'" 1 
ATOM   172 C "C5'" . G   A 1 9  ? -17.974 7.064   3.851  1.00 52.88 ? 9  G   A "C5'" 1 
ATOM   173 C "C4'" . G   A 1 9  ? -19.080 6.046   3.878  1.00 45.55 ? 9  G   A "C4'" 1 
ATOM   174 O "O4'" . G   A 1 9  ? -19.704 5.953   2.588  1.00 42.30 ? 9  G   A "O4'" 1 
ATOM   175 C "C3'" . G   A 1 9  ? -18.722 4.622   4.227  1.00 45.71 ? 9  G   A "C3'" 1 
ATOM   176 O "O3'" . G   A 1 9  ? -18.649 4.445   5.620  1.00 49.36 ? 9  G   A "O3'" 1 
ATOM   177 C "C2'" . G   A 1 9  ? -19.905 3.848   3.677  1.00 45.83 ? 9  G   A "C2'" 1 
ATOM   178 O "O2'" . G   A 1 9  ? -20.993 3.879   4.572  1.00 43.94 ? 9  G   A "O2'" 1 
ATOM   179 C "C1'" . G   A 1 9  ? -20.252 4.662   2.434  1.00 47.98 ? 9  G   A "C1'" 1 
ATOM   180 N N9    . G   A 1 9  ? -19.690 4.064   1.234  1.00 50.09 ? 9  G   A N9    1 
ATOM   181 C C8    . G   A 1 9  ? -18.535 4.421   0.591  1.00 53.50 ? 9  G   A C8    1 
ATOM   182 N N7    . G   A 1 9  ? -18.283 3.677   -0.449 1.00 53.41 ? 9  G   A N7    1 
ATOM   183 C C5    . G   A 1 9  ? -19.335 2.779   -0.489 1.00 49.18 ? 9  G   A C5    1 
ATOM   184 C C6    . G   A 1 9  ? -19.595 1.727   -1.383 1.00 53.02 ? 9  G   A C6    1 
ATOM   185 O O6    . G   A 1 9  ? -18.905 1.342   -2.337 1.00 57.79 ? 9  G   A O6    1 
ATOM   186 N N1    . G   A 1 9  ? -20.786 1.086   -1.080 1.00 49.11 ? 9  G   A N1    1 
ATOM   187 C C2    . G   A 1 9  ? -21.604 1.415   -0.035 1.00 53.04 ? 9  G   A C2    1 
ATOM   188 N N2    . G   A 1 9  ? -22.716 0.705   0.085  1.00 61.19 ? 9  G   A N2    1 
ATOM   189 N N3    . G   A 1 9  ? -21.354 2.375   0.827  1.00 48.59 ? 9  G   A N3    1 
ATOM   190 C C4    . G   A 1 9  ? -20.215 3.015   0.537  1.00 46.61 ? 9  G   A C4    1 
ATOM   191 P P     . C   A 1 10 ? -17.630 3.363   6.210  1.00 52.65 ? 10 C   A P     1 
ATOM   192 O OP1   . C   A 1 10 ? -17.440 3.760   7.630  1.00 51.56 ? 10 C   A OP1   1 
ATOM   193 O OP2   . C   A 1 10 ? -16.460 3.328   5.283  1.00 52.67 ? 10 C   A OP2   1 
ATOM   194 O "O5'" . C   A 1 10 ? -18.418 1.977   6.121  1.00 30.32 ? 10 C   A "O5'" 1 
ATOM   195 C "C5'" . C   A 1 10 ? -19.688 1.865   6.739  1.00 26.99 ? 10 C   A "C5'" 1 
ATOM   196 C "C4'" . C   A 1 10 ? -20.512 0.803   6.076  1.00 34.16 ? 10 C   A "C4'" 1 
ATOM   197 O "O4'" . C   A 1 10 ? -20.818 1.133   4.699  1.00 44.56 ? 10 C   A "O4'" 1 
ATOM   198 C "C3'" . C   A 1 10 ? -19.869 -0.547  5.966  1.00 32.31 ? 10 C   A "C3'" 1 
ATOM   199 O "O3'" . C   A 1 10 ? -19.971 -1.262  7.148  1.00 43.60 ? 10 C   A "O3'" 1 
ATOM   200 C "C2'" . C   A 1 10 ? -20.708 -1.229  4.914  1.00 32.56 ? 10 C   A "C2'" 1 
ATOM   201 O "O2'" . C   A 1 10 ? -21.845 -1.811  5.504  1.00 31.92 ? 10 C   A "O2'" 1 
ATOM   202 C "C1'" . C   A 1 10 ? -21.046 -0.070  3.976  1.00 43.43 ? 10 C   A "C1'" 1 
ATOM   203 N N1    . C   A 1 10 ? -20.111 -0.132  2.846  1.00 49.56 ? 10 C   A N1    1 
ATOM   204 C C2    . C   A 1 10 ? -20.217 -1.206  1.940  1.00 47.42 ? 10 C   A C2    1 
ATOM   205 O O2    . C   A 1 10 ? -21.194 -1.966  2.024  1.00 42.76 ? 10 C   A O2    1 
ATOM   206 N N3    . C   A 1 10 ? -19.259 -1.377  1.001  1.00 47.03 ? 10 C   A N3    1 
ATOM   207 C C4    . C   A 1 10 ? -18.244 -0.517  0.933  1.00 54.16 ? 10 C   A C4    1 
ATOM   208 N N4    . C   A 1 10 ? -17.260 -0.770  0.070  1.00 58.64 ? 10 C   A N4    1 
ATOM   209 C C5    . C   A 1 10 ? -18.173 0.638   1.771  1.00 57.86 ? 10 C   A C5    1 
ATOM   210 C C6    . C   A 1 10 ? -19.121 0.791   2.706  1.00 53.09 ? 10 C   A C6    1 
ATOM   211 P P     . A   A 1 11 ? -18.766 -2.225  7.556  1.00 61.27 ? 11 A   A P     1 
ATOM   212 O OP1   . A   A 1 11 ? -19.177 -2.813  8.854  1.00 73.92 ? 11 A   A OP1   1 
ATOM   213 O OP2   . A   A 1 11 ? -17.495 -1.437  7.457  1.00 60.37 ? 11 A   A OP2   1 
ATOM   214 O "O5'" . A   A 1 11 ? -18.793 -3.396  6.471  1.00 36.71 ? 11 A   A "O5'" 1 
ATOM   215 C "C5'" . A   A 1 11 ? -19.874 -4.313  6.472  1.00 18.24 ? 11 A   A "C5'" 1 
ATOM   216 C "C4'" . A   A 1 11 ? -19.831 -5.209  5.274  1.00 19.33 ? 11 A   A "C4'" 1 
ATOM   217 O "O4'" . A   A 1 11 ? -19.902 -4.439  4.056  1.00 26.45 ? 11 A   A "O4'" 1 
ATOM   218 C "C3'" . A   A 1 11 ? -18.652 -6.136  5.041  1.00 20.21 ? 11 A   A "C3'" 1 
ATOM   219 O "O3'" . A   A 1 11 ? -18.738 -7.292  5.850  1.00 37.51 ? 11 A   A "O3'" 1 
ATOM   220 C "C2'" . A   A 1 11 ? -18.868 -6.529  3.579  1.00 22.27 ? 11 A   A "C2'" 1 
ATOM   221 O "O2'" . A   A 1 11 ? -19.803 -7.571  3.381  1.00 8.16  ? 11 A   A "O2'" 1 
ATOM   222 C "C1'" . A   A 1 11 ? -19.432 -5.239  2.978  1.00 31.53 ? 11 A   A "C1'" 1 
ATOM   223 N N9    . A   A 1 11 ? -18.368 -4.544  2.247  1.00 42.23 ? 11 A   A N9    1 
ATOM   224 C C8    . A   A 1 11 ? -17.508 -3.538  2.634  1.00 40.85 ? 11 A   A C8    1 
ATOM   225 N N7    . A   A 1 11 ? -16.582 -3.268  1.745  1.00 38.35 ? 11 A   A N7    1 
ATOM   226 C C5    . A   A 1 11 ? -16.870 -4.129  0.697  1.00 38.66 ? 11 A   A C5    1 
ATOM   227 C C6    . A   A 1 11 ? -16.240 -4.362  -0.520 1.00 46.53 ? 11 A   A C6    1 
ATOM   228 N N6    . A   A 1 11 ? -15.138 -3.723  -0.906 1.00 52.83 ? 11 A   A N6    1 
ATOM   229 N N1    . A   A 1 11 ? -16.778 -5.293  -1.344 1.00 51.68 ? 11 A   A N1    1 
ATOM   230 C C2    . A   A 1 11 ? -17.878 -5.948  -0.943 1.00 49.15 ? 11 A   A C2    1 
ATOM   231 N N3    . A   A 1 11 ? -18.557 -5.823  0.191  1.00 44.10 ? 11 A   A N3    1 
ATOM   232 C C4    . A   A 1 11 ? -17.987 -4.890  0.977  1.00 40.86 ? 11 A   A C4    1 
ATOM   233 P P     . A   A 1 12 ? -17.446 -8.219  6.071  1.00 46.92 ? 12 A   A P     1 
ATOM   234 O OP1   . A   A 1 12 ? -17.863 -9.380  6.905  1.00 51.44 ? 12 A   A OP1   1 
ATOM   235 O OP2   . A   A 1 12 ? -16.345 -7.328  6.549  1.00 44.83 ? 12 A   A OP2   1 
ATOM   236 O "O5'" . A   A 1 12 ? -17.146 -8.831  4.631  1.00 21.98 ? 12 A   A "O5'" 1 
ATOM   237 C "C5'" . A   A 1 12 ? -18.001 -9.819  4.112  1.00 13.00 ? 12 A   A "C5'" 1 
ATOM   238 C "C4'" . A   A 1 12 ? -17.489 -10.317 2.787  1.00 28.58 ? 12 A   A "C4'" 1 
ATOM   239 O "O4'" . A   A 1 12 ? -17.603 -9.279  1.787  1.00 38.85 ? 12 A   A "O4'" 1 
ATOM   240 C "C3'" . A   A 1 12 ? -16.045 -10.747 2.733  1.00 24.64 ? 12 A   A "C3'" 1 
ATOM   241 O "O3'" . A   A 1 12 ? -15.885 -12.093 3.095  1.00 32.28 ? 12 A   A "O3'" 1 
ATOM   242 C "C2'" . A   A 1 12 ? -15.734 -10.604 1.260  1.00 28.70 ? 12 A   A "C2'" 1 
ATOM   243 O "O2'" . A   A 1 12 ? -16.315 -11.695 0.568  1.00 19.09 ? 12 A   A "O2'" 1 
ATOM   244 C "C1'" . A   A 1 12 ? -16.490 -9.322  0.919  1.00 34.53 ? 12 A   A "C1'" 1 
ATOM   245 N N9    . A   A 1 12 ? -15.722 -8.099  1.176  1.00 41.17 ? 12 A   A N9    1 
ATOM   246 C C8    . A   A 1 12 ? -15.954 -7.220  2.206  1.00 47.29 ? 12 A   A C8    1 
ATOM   247 N N7    . A   A 1 12 ? -15.158 -6.177  2.212  1.00 45.78 ? 12 A   A N7    1 
ATOM   248 C C5    . A   A 1 12 ? -14.340 -6.385  1.116  1.00 39.63 ? 12 A   A C5    1 
ATOM   249 C C6    . A   A 1 12 ? -13.303 -5.635  0.587  1.00 36.47 ? 12 A   A C6    1 
ATOM   250 N N6    . A   A 1 12 ? -12.908 -4.475  1.093  1.00 46.01 ? 12 A   A N6    1 
ATOM   251 N N1    . A   A 1 12 ? -12.679 -6.114  -0.497 1.00 32.52 ? 12 A   A N1    1 
ATOM   252 C C2    . A   A 1 12 ? -13.094 -7.277  -1.013 1.00 38.15 ? 12 A   A C2    1 
ATOM   253 N N3    . A   A 1 12 ? -14.069 -8.077  -0.615 1.00 36.01 ? 12 A   A N3    1 
ATOM   254 C C4    . A   A 1 12 ? -14.665 -7.569  0.473  1.00 40.32 ? 12 A   A C4    1 
ATOM   255 P P     . C   A 1 13 ? -14.461 -12.567 3.635  1.00 42.75 ? 13 C   A P     1 
ATOM   256 O OP1   . C   A 1 13 ? -14.547 -13.996 4.001  1.00 38.76 ? 13 C   A OP1   1 
ATOM   257 O OP2   . C   A 1 13 ? -14.043 -11.550 4.659  1.00 40.38 ? 13 C   A OP2   1 
ATOM   258 O "O5'" . C   A 1 13 ? -13.539 -12.461 2.344  1.00 46.92 ? 13 C   A "O5'" 1 
ATOM   259 C "C5'" . C   A 1 13 ? -13.807 -13.300 1.213  1.00 53.40 ? 13 C   A "C5'" 1 
ATOM   260 C "C4'" . C   A 1 13 ? -12.783 -13.074 0.131  1.00 49.67 ? 13 C   A "C4'" 1 
ATOM   261 O "O4'" . C   A 1 13 ? -12.909 -11.723 -0.340 1.00 50.79 ? 13 C   A "O4'" 1 
ATOM   262 C "C3'" . C   A 1 13 ? -11.320 -13.203 0.503  1.00 46.65 ? 13 C   A "C3'" 1 
ATOM   263 O "O3'" . C   A 1 13 ? -10.919 -14.552 0.451  1.00 53.66 ? 13 C   A "O3'" 1 
ATOM   264 C "C2'" . C   A 1 13 ? -10.649 -12.372 -0.578 1.00 45.08 ? 13 C   A "C2'" 1 
ATOM   265 O "O2'" . C   A 1 13 ? -10.614 -13.029 -1.833 1.00 51.17 ? 13 C   A "O2'" 1 
ATOM   266 C "C1'" . C   A 1 13 ? -11.646 -11.239 -0.728 1.00 41.82 ? 13 C   A "C1'" 1 
ATOM   267 N N1    . C   A 1 13 ? -11.333 -10.118 0.134  1.00 29.56 ? 13 C   A N1    1 
ATOM   268 C C2    . C   A 1 13 ? -10.308 -9.287  -0.227 1.00 36.12 ? 13 C   A C2    1 
ATOM   269 O O2    . C   A 1 13 ? -9.692  -9.549  -1.265 1.00 53.95 ? 13 C   A O2    1 
ATOM   270 N N3    . C   A 1 13 ? -10.018 -8.221  0.536  1.00 26.12 ? 13 C   A N3    1 
ATOM   271 C C4    . C   A 1 13 ? -10.745 -7.978  1.616  1.00 28.81 ? 13 C   A C4    1 
ATOM   272 N N4    . C   A 1 13 ? -10.473 -6.896  2.326  1.00 42.38 ? 13 C   A N4    1 
ATOM   273 C C5    . C   A 1 13 ? -11.798 -8.828  2.014  1.00 24.87 ? 13 C   A C5    1 
ATOM   274 C C6    . C   A 1 13 ? -12.052 -9.884  1.256  1.00 19.72 ? 13 C   A C6    1 
ATOM   275 P P     . G   A 1 14 ? -9.846  -15.099 1.513  1.00 53.43 ? 14 G   A P     1 
ATOM   276 O OP1   . G   A 1 14 ? -9.564  -16.489 1.101  1.00 52.83 ? 14 G   A OP1   1 
ATOM   277 O OP2   . G   A 1 14 ? -10.248 -14.792 2.916  1.00 51.72 ? 14 G   A OP2   1 
ATOM   278 O "O5'" . G   A 1 14 ? -8.550  -14.251 1.218  1.00 50.72 ? 14 G   A "O5'" 1 
ATOM   279 C "C5'" . G   A 1 14 ? -8.031  -14.189 -0.091 1.00 49.29 ? 14 G   A "C5'" 1 
ATOM   280 C "C4'" . G   A 1 14 ? -6.911  -13.223 -0.106 1.00 43.38 ? 14 G   A "C4'" 1 
ATOM   281 O "O4'" . G   A 1 14 ? -7.431  -11.922 0.275  1.00 46.08 ? 14 G   A "O4'" 1 
ATOM   282 C "C3'" . G   A 1 14 ? -5.852  -13.553 0.938  1.00 38.32 ? 14 G   A "C3'" 1 
ATOM   283 O "O3'" . G   A 1 14 ? -4.618  -13.203 0.381  1.00 37.37 ? 14 G   A "O3'" 1 
ATOM   284 C "C2'" . G   A 1 14 ? -6.146  -12.555 2.047  1.00 32.70 ? 14 G   A "C2'" 1 
ATOM   285 O "O2'" . G   A 1 14 ? -5.072  -12.171 2.868  1.00 29.39 ? 14 G   A "O2'" 1 
ATOM   286 C "C1'" . G   A 1 14 ? -6.544  -11.365 1.205  1.00 42.03 ? 14 G   A "C1'" 1 
ATOM   287 N N9    . G   A 1 14 ? -7.187  -10.329 1.980  1.00 43.59 ? 14 G   A N9    1 
ATOM   288 C C8    . G   A 1 14 ? -8.040  -10.507 3.022  1.00 46.74 ? 14 G   A C8    1 
ATOM   289 N N7    . G   A 1 14 ? -8.338  -9.394  3.623  1.00 54.28 ? 14 G   A N7    1 
ATOM   290 C C5    . G   A 1 14 ? -7.653  -8.424  2.917  1.00 49.72 ? 14 G   A C5    1 
ATOM   291 C C6    . G   A 1 14 ? -7.555  -7.048  3.137  1.00 45.00 ? 14 G   A C6    1 
ATOM   292 O O6    . G   A 1 14 ? -8.014  -6.401  4.066  1.00 42.42 ? 14 G   A O6    1 
ATOM   293 N N1    . G   A 1 14 ? -6.810  -6.422  2.155  1.00 45.77 ? 14 G   A N1    1 
ATOM   294 C C2    . G   A 1 14 ? -6.209  -7.060  1.108  1.00 48.98 ? 14 G   A C2    1 
ATOM   295 N N2    . G   A 1 14 ? -5.582  -6.279  0.237  1.00 56.15 ? 14 G   A N2    1 
ATOM   296 N N3    . G   A 1 14 ? -6.240  -8.363  0.924  1.00 46.43 ? 14 G   A N3    1 
ATOM   297 C C4    . G   A 1 14 ? -6.982  -8.980  1.863  1.00 47.50 ? 14 G   A C4    1 
ATOM   298 P P     . G   A 1 15 ? -3.426  -14.246 0.397  1.00 40.76 ? 15 G   A P     1 
ATOM   299 O OP1   . G   A 1 15 ? -3.584  -15.086 -0.838 1.00 36.44 ? 15 G   A OP1   1 
ATOM   300 O OP2   . G   A 1 15 ? -3.326  -14.897 1.744  1.00 35.78 ? 15 G   A OP2   1 
ATOM   301 O "O5'" . G   A 1 15 ? -2.194  -13.273 0.230  1.00 31.10 ? 15 G   A "O5'" 1 
ATOM   302 C "C5'" . G   A 1 15 ? -1.922  -12.684 -1.035 1.00 31.46 ? 15 G   A "C5'" 1 
ATOM   303 C "C4'" . G   A 1 15 ? -1.192  -11.387 -0.849 1.00 31.06 ? 15 G   A "C4'" 1 
ATOM   304 O "O4'" . G   A 1 15 ? -2.158  -10.330 -0.695 1.00 32.89 ? 15 G   A "O4'" 1 
ATOM   305 C "C3'" . G   A 1 15 ? -0.308  -11.276 0.384  1.00 29.60 ? 15 G   A "C3'" 1 
ATOM   306 O "O3'" . G   A 1 15 ? 1.006   -11.739 0.240  1.00 42.38 ? 15 G   A "O3'" 1 
ATOM   307 C "C2'" . G   A 1 15 ? -0.223  -9.791  0.566  1.00 31.90 ? 15 G   A "C2'" 1 
ATOM   308 O "O2'" . G   A 1 15 ? 0.755   -9.332  -0.353 1.00 29.23 ? 15 G   A "O2'" 1 
ATOM   309 C "C1'" . G   A 1 15 ? -1.646  -9.369  0.199  1.00 37.06 ? 15 G   A "C1'" 1 
ATOM   310 N N9    . G   A 1 15 ? -2.497  -9.343  1.388  1.00 38.73 ? 15 G   A N9    1 
ATOM   311 C C8    . G   A 1 15 ? -3.266  -10.350 1.911  1.00 42.24 ? 15 G   A C8    1 
ATOM   312 N N7    . G   A 1 15 ? -3.902  -9.989  2.989  1.00 40.13 ? 15 G   A N7    1 
ATOM   313 C C5    . G   A 1 15 ? -3.528  -8.674  3.171  1.00 36.51 ? 15 G   A C5    1 
ATOM   314 C C6    . G   A 1 15 ? -3.905  -7.764  4.136  1.00 44.41 ? 15 G   A C6    1 
ATOM   315 O O6    . G   A 1 15 ? -4.682  -7.928  5.073  1.00 60.27 ? 15 G   A O6    1 
ATOM   316 N N1    . G   A 1 15 ? -3.290  -6.544  3.949  1.00 39.34 ? 15 G   A N1    1 
ATOM   317 C C2    . G   A 1 15 ? -2.422  -6.255  2.946  1.00 35.72 ? 15 G   A C2    1 
ATOM   318 N N2    . G   A 1 15 ? -1.915  -5.035  2.917  1.00 45.18 ? 15 G   A N2    1 
ATOM   319 N N3    . G   A 1 15 ? -2.072  -7.094  2.035  1.00 31.85 ? 15 G   A N3    1 
ATOM   320 C C4    . G   A 1 15 ? -2.657  -8.274  2.200  1.00 32.38 ? 15 G   A C4    1 
ATOM   321 P P     . G   A 1 16 ? 1.774   -12.303 1.533  1.00 49.26 ? 16 G   A P     1 
ATOM   322 O OP1   . G   A 1 16 ? 2.630   -13.406 1.070  1.00 53.96 ? 16 G   A OP1   1 
ATOM   323 O OP2   . G   A 1 16 ? 0.798   -12.547 2.613  1.00 57.46 ? 16 G   A OP2   1 
ATOM   324 O "O5'" . G   A 1 16 ? 2.738   -11.149 2.041  1.00 39.20 ? 16 G   A "O5'" 1 
ATOM   325 C "C5'" . G   A 1 16 ? 3.803   -11.509 2.916  1.00 39.26 ? 16 G   A "C5'" 1 
ATOM   326 C "C4'" . G   A 1 16 ? 4.484   -10.300 3.433  1.00 35.99 ? 16 G   A "C4'" 1 
ATOM   327 O "O4'" . G   A 1 16 ? 3.475   -9.440  3.960  1.00 36.81 ? 16 G   A "O4'" 1 
ATOM   328 C "C3'" . G   A 1 16 ? 5.515   -10.549 4.528  1.00 35.85 ? 16 G   A "C3'" 1 
ATOM   329 O "O3'" . G   A 1 16 ? 6.572   -9.666  4.354  1.00 36.17 ? 16 G   A "O3'" 1 
ATOM   330 C "C2'" . G   A 1 16 ? 4.818   -10.164 5.813  1.00 41.36 ? 16 G   A "C2'" 1 
ATOM   331 O "O2'" . G   A 1 16 ? 5.724   -9.460  6.660  1.00 45.70 ? 16 G   A "O2'" 1 
ATOM   332 C "C1'" . G   A 1 16 ? 3.691   -9.243  5.333  1.00 45.24 ? 16 G   A "C1'" 1 
ATOM   333 N N9    . G   A 1 16 ? 2.468   -9.639  6.015  1.00 54.43 ? 16 G   A N9    1 
ATOM   334 C C8    . G   A 1 16 ? 1.611   -10.669 5.684  1.00 52.91 ? 16 G   A C8    1 
ATOM   335 N N7    . G   A 1 16 ? 0.673   -10.848 6.575  1.00 49.82 ? 16 G   A N7    1 
ATOM   336 C C5    . G   A 1 16 ? 0.922   -9.866  7.526  1.00 48.10 ? 16 G   A C5    1 
ATOM   337 C C6    . G   A 1 16 ? 0.297   -9.613  8.711  1.00 49.40 ? 16 G   A C6    1 
ATOM   338 O O6    . G   A 1 16 ? -0.596  -10.255 9.221  1.00 65.79 ? 16 G   A O6    1 
ATOM   339 N N1    . G   A 1 16 ? 0.835   -8.509  9.362  1.00 42.24 ? 16 G   A N1    1 
ATOM   340 C C2    . G   A 1 16 ? 1.894   -7.781  8.920  1.00 44.15 ? 16 G   A C2    1 
ATOM   341 N N2    . G   A 1 16 ? 2.286   -6.758  9.689  1.00 54.53 ? 16 G   A N2    1 
ATOM   342 N N3    . G   A 1 16 ? 2.527   -8.038  7.812  1.00 42.25 ? 16 G   A N3    1 
ATOM   343 C C4    . G   A 1 16 ? 1.993   -9.088  7.168  1.00 48.94 ? 16 G   A C4    1 
ATOM   344 P P     . A   A 1 17 ? 7.435   -9.763  3.031  1.00 33.19 ? 17 A   A P     1 
ATOM   345 O OP1   . A   A 1 17 ? 6.950   -10.903 2.215  1.00 22.94 ? 17 A   A OP1   1 
ATOM   346 O OP2   . A   A 1 17 ? 8.844   -9.718  3.468  1.00 48.57 ? 17 A   A OP2   1 
ATOM   347 O "O5'" . A   A 1 17 ? 7.029   -8.444  2.251  1.00 25.06 ? 17 A   A "O5'" 1 
ATOM   348 C "C5'" . A   A 1 17 ? 6.107   -8.566  1.198  1.00 32.41 ? 17 A   A "C5'" 1 
ATOM   349 C "C4'" . A   A 1 17 ? 5.760   -7.236  0.642  1.00 31.63 ? 17 A   A "C4'" 1 
ATOM   350 O "O4'" . A   A 1 17 ? 6.976   -6.574  0.256  1.00 29.00 ? 17 A   A "O4'" 1 
ATOM   351 C "C3'" . A   A 1 17 ? 4.971   -7.422  -0.636 1.00 34.19 ? 17 A   A "C3'" 1 
ATOM   352 O "O3'" . A   A 1 17 ? 3.583   -7.617  -0.360 1.00 40.19 ? 17 A   A "O3'" 1 
ATOM   353 C "C2'" . A   A 1 17 ? 5.364   -6.243  -1.489 1.00 46.36 ? 17 A   A "C2'" 1 
ATOM   354 O "O2'" . A   A 1 17 ? 4.537   -5.120  -1.278 1.00 66.59 ? 17 A   A "O2'" 1 
ATOM   355 C "C1'" . A   A 1 17 ? 6.800   -5.982  -1.017 1.00 41.16 ? 17 A   A "C1'" 1 
ATOM   356 N N9    . A   A 1 17 ? 7.839   -6.468  -1.924 1.00 36.58 ? 17 A   A N9    1 
ATOM   357 C C8    . A   A 1 17 ? 8.747   -7.460  -1.723 1.00 45.06 ? 17 A   A C8    1 
ATOM   358 N N7    . A   A 1 17 ? 9.547   -7.657  -2.743 1.00 45.75 ? 17 A   A N7    1 
ATOM   359 C C5    . A   A 1 17 ? 9.130   -6.726  -3.673 1.00 38.20 ? 17 A   A C5    1 
ATOM   360 C C6    . A   A 1 17 ? 9.556   -6.440  -4.965 1.00 43.12 ? 17 A   A C6    1 
ATOM   361 N N6    . A   A 1 17 ? 10.557  -7.064  -5.565 1.00 56.34 ? 17 A   A N6    1 
ATOM   362 N N1    . A   A 1 17 ? 8.913   -5.478  -5.638 1.00 36.49 ? 17 A   A N1    1 
ATOM   363 C C2    . A   A 1 17 ? 7.918   -4.853  -5.038 1.00 34.73 ? 17 A   A C2    1 
ATOM   364 N N3    . A   A 1 17 ? 7.431   -5.023  -3.826 1.00 34.40 ? 17 A   A N3    1 
ATOM   365 C C4    . A   A 1 17 ? 8.085   -5.991  -3.186 1.00 34.47 ? 17 A   A C4    1 
ATOM   366 P P     . A   A 1 18 ? 2.631   -6.414  0.174  1.00 32.51 ? 18 A   A P     1 
ATOM   367 O OP1   . A   A 1 18 ? 1.582   -7.159  0.844  1.00 45.87 ? 18 A   A OP1   1 
ATOM   368 O OP2   . A   A 1 18 ? 2.248   -5.466  -0.887 1.00 30.64 ? 18 A   A OP2   1 
ATOM   369 O "O5'" . A   A 1 18 ? 3.387   -5.623  1.330  1.00 2.00  ? 18 A   A "O5'" 1 
ATOM   370 C "C5'" . A   A 1 18 ? 3.137   -4.210  1.436  1.00 11.76 ? 18 A   A "C5'" 1 
ATOM   371 C "C4'" . A   A 1 18 ? 3.339   -3.704  2.845  1.00 28.28 ? 18 A   A "C4'" 1 
ATOM   372 O "O4'" . A   A 1 18 ? 2.184   -4.003  3.639  1.00 28.48 ? 18 A   A "O4'" 1 
ATOM   373 C "C3'" . A   A 1 18 ? 4.552   -4.204  3.617  1.00 36.61 ? 18 A   A "C3'" 1 
ATOM   374 O "O3'" . A   A 1 18 ? 4.988   -3.162  4.491  1.00 40.54 ? 18 A   A "O3'" 1 
ATOM   375 C "C2'" . A   A 1 18 ? 3.962   -5.288  4.497  1.00 34.42 ? 18 A   A "C2'" 1 
ATOM   376 O "O2'" . A   A 1 18 ? 4.698   -5.457  5.699  1.00 35.39 ? 18 A   A "O2'" 1 
ATOM   377 C "C1'" . A   A 1 18 ? 2.575   -4.710  4.786  1.00 35.00 ? 18 A   A "C1'" 1 
ATOM   378 N N9    . A   A 1 18 ? 1.584   -5.749  4.981  1.00 40.58 ? 18 A   A N9    1 
ATOM   379 C C8    . A   A 1 18 ? 1.437   -6.856  4.203  1.00 51.86 ? 18 A   A C8    1 
ATOM   380 N N7    . A   A 1 18 ? 0.448   -7.631  4.567  1.00 51.69 ? 18 A   A N7    1 
ATOM   381 C C5    . A   A 1 18 ? -0.075  -6.991  5.665  1.00 37.01 ? 18 A   A C5    1 
ATOM   382 C C6    . A   A 1 18 ? -1.115  -7.314  6.472  1.00 38.96 ? 18 A   A C6    1 
ATOM   383 N N6    . A   A 1 18 ? -1.835  -8.420  6.292  1.00 51.02 ? 18 A   A N6    1 
ATOM   384 N N1    . A   A 1 18 ? -1.410  -6.475  7.477  1.00 35.05 ? 18 A   A N1    1 
ATOM   385 C C2    . A   A 1 18 ? -0.669  -5.373  7.626  1.00 36.16 ? 18 A   A C2    1 
ATOM   386 N N3    . A   A 1 18 ? 0.358   -4.959  6.916  1.00 30.05 ? 18 A   A N3    1 
ATOM   387 C C4    . A   A 1 18 ? 0.609   -5.830  5.936  1.00 34.37 ? 18 A   A C4    1 
ATOM   388 P P     . A   A 1 19 ? 6.181   -2.177  4.046  1.00 46.72 ? 19 A   A P     1 
ATOM   389 O OP1   . A   A 1 19 ? 6.684   -1.512  5.259  1.00 46.78 ? 19 A   A OP1   1 
ATOM   390 O OP2   . A   A 1 19 ? 5.690   -1.338  2.902  1.00 42.70 ? 19 A   A OP2   1 
ATOM   391 O "O5'" . A   A 1 19 ? 7.338   -3.159  3.547  1.00 44.19 ? 19 A   A "O5'" 1 
ATOM   392 C "C5'" . A   A 1 19 ? 7.922   -4.115  4.448  1.00 40.34 ? 19 A   A "C5'" 1 
ATOM   393 C "C4'" . A   A 1 19 ? 9.153   -4.773  3.837  1.00 37.40 ? 19 A   A "C4'" 1 
ATOM   394 O "O4'" . A   A 1 19 ? 8.804   -5.514  2.629  1.00 33.76 ? 19 A   A "O4'" 1 
ATOM   395 C "C3'" . A   A 1 19 ? 10.313  -3.883  3.424  1.00 33.23 ? 19 A   A "C3'" 1 
ATOM   396 O "O3'" . A   A 1 19 ? 11.168  -3.535  4.506  1.00 34.93 ? 19 A   A "O3'" 1 
ATOM   397 C "C2'" . A   A 1 19 ? 11.053  -4.784  2.458  1.00 38.60 ? 19 A   A "C2'" 1 
ATOM   398 O "O2'" . A   A 1 19 ? 11.795  -5.713  3.238  1.00 43.44 ? 19 A   A "O2'" 1 
ATOM   399 C "C1'" . A   A 1 19 ? 9.891   -5.466  1.719  1.00 36.04 ? 19 A   A "C1'" 1 
ATOM   400 N N9    . A   A 1 19 ? 9.443   -4.680  0.564  1.00 34.17 ? 19 A   A N9    1 
ATOM   401 C C8    . A   A 1 19 ? 8.257   -4.009  0.496  1.00 38.44 ? 19 A   A C8    1 
ATOM   402 N N7    . A   A 1 19 ? 8.100   -3.319  -0.604 1.00 42.28 ? 19 A   A N7    1 
ATOM   403 C C5    . A   A 1 19 ? 9.259   -3.564  -1.320 1.00 38.64 ? 19 A   A C5    1 
ATOM   404 C C6    . A   A 1 19 ? 9.715   -3.091  -2.564 1.00 40.07 ? 19 A   A C6    1 
ATOM   405 N N6    . A   A 1 19 ? 9.039   -2.218  -3.322 1.00 30.75 ? 19 A   A N6    1 
ATOM   406 N N1    . A   A 1 19 ? 10.908  -3.533  -2.997 1.00 39.36 ? 19 A   A N1    1 
ATOM   407 C C2    . A   A 1 19 ? 11.593  -4.365  -2.224 1.00 39.36 ? 19 A   A C2    1 
ATOM   408 N N3    . A   A 1 19 ? 11.281  -4.860  -1.029 1.00 41.43 ? 19 A   A N3    1 
ATOM   409 C C4    . A   A 1 19 ? 10.086  -4.417  -0.626 1.00 33.61 ? 19 A   A C4    1 
ATOM   410 P P     . A   A 1 20 ? 12.056  -2.181  4.415  1.00 38.69 ? 20 A   A P     1 
ATOM   411 O OP1   . A   A 1 20 ? 12.794  -1.974  5.696  1.00 25.92 ? 20 A   A OP1   1 
ATOM   412 O OP2   . A   A 1 20 ? 11.232  -1.044  3.861  1.00 33.17 ? 20 A   A OP2   1 
ATOM   413 O "O5'" . A   A 1 20 ? 13.119  -2.590  3.308  1.00 35.32 ? 20 A   A "O5'" 1 
ATOM   414 C "C5'" . A   A 1 20 ? 13.982  -3.703  3.527  1.00 39.77 ? 20 A   A "C5'" 1 
ATOM   415 C "C4'" . A   A 1 20 ? 14.894  -3.868  2.349  1.00 39.29 ? 20 A   A "C4'" 1 
ATOM   416 O "O4'" . A   A 1 20 ? 14.070  -4.184  1.218  1.00 34.12 ? 20 A   A "O4'" 1 
ATOM   417 C "C3'" . A   A 1 20 ? 15.662  -2.619  1.942  1.00 36.08 ? 20 A   A "C3'" 1 
ATOM   418 O "O3'" . A   A 1 20 ? 16.905  -2.541  2.609  1.00 35.25 ? 20 A   A "O3'" 1 
ATOM   419 C "C2'" . A   A 1 20 ? 15.857  -2.821  0.455  1.00 37.40 ? 20 A   A "C2'" 1 
ATOM   420 O "O2'" . A   A 1 20 ? 16.924  -3.693  0.170  1.00 46.65 ? 20 A   A "O2'" 1 
ATOM   421 C "C1'" . A   A 1 20 ? 14.561  -3.523  0.082  1.00 32.94 ? 20 A   A "C1'" 1 
ATOM   422 N N9    . A   A 1 20 ? 13.563  -2.549  -0.274 1.00 27.12 ? 20 A   A N9    1 
ATOM   423 C C8    . A   A 1 20 ? 12.558  -2.057  0.488  1.00 33.24 ? 20 A   A C8    1 
ATOM   424 N N7    . A   A 1 20 ? 11.824  -1.180  -0.133 1.00 34.99 ? 20 A   A N7    1 
ATOM   425 C C5    . A   A 1 20 ? 12.398  -1.104  -1.380 1.00 15.86 ? 20 A   A C5    1 
ATOM   426 C C6    . A   A 1 20 ? 12.085  -0.385  -2.475 1.00 18.16 ? 20 A   A C6    1 
ATOM   427 N N6    . A   A 1 20 ? 11.071  0.452   -2.519 1.00 34.33 ? 20 A   A N6    1 
ATOM   428 N N1    . A   A 1 20 ? 12.837  -0.540  -3.563 1.00 24.17 ? 20 A   A N1    1 
ATOM   429 C C2    . A   A 1 20 ? 13.844  -1.398  -3.516 1.00 28.67 ? 20 A   A C2    1 
ATOM   430 N N3    . A   A 1 20 ? 14.243  -2.148  -2.524 1.00 22.57 ? 20 A   A N3    1 
ATOM   431 C C4    . A   A 1 20 ? 13.464  -1.943  -1.474 1.00 18.61 ? 20 A   A C4    1 
ATOM   432 P P     . U   A 1 21 ? 17.556  -1.106  2.879  1.00 38.44 ? 21 U   A P     1 
ATOM   433 O OP1   . U   A 1 21 ? 18.919  -1.429  3.402  1.00 36.76 ? 21 U   A OP1   1 
ATOM   434 O OP2   . U   A 1 21 ? 16.660  -0.229  3.661  1.00 45.01 ? 21 U   A OP2   1 
ATOM   435 O "O5'" . U   A 1 21 ? 17.574  -0.464  1.430  1.00 30.17 ? 21 U   A "O5'" 1 
ATOM   436 C "C5'" . U   A 1 21 ? 18.300  -1.107  0.410  1.00 35.26 ? 21 U   A "C5'" 1 
ATOM   437 C "C4'" . U   A 1 21 ? 18.245  -0.300  -0.832 1.00 33.00 ? 21 U   A "C4'" 1 
ATOM   438 O "O4'" . U   A 1 21 ? 16.947  -0.438  -1.429 1.00 31.52 ? 21 U   A "O4'" 1 
ATOM   439 C "C3'" . U   A 1 21 ? 18.419  1.193   -0.674 1.00 35.00 ? 21 U   A "C3'" 1 
ATOM   440 O "O3'" . U   A 1 21 ? 19.775  1.565   -0.567 1.00 44.42 ? 21 U   A "O3'" 1 
ATOM   441 C "C2'" . U   A 1 21 ? 17.818  1.698   -1.970 1.00 33.00 ? 21 U   A "C2'" 1 
ATOM   442 O "O2'" . U   A 1 21 ? 18.722  1.513   -3.040 1.00 39.36 ? 21 U   A "O2'" 1 
ATOM   443 C "C1'" . U   A 1 21 ? 16.649  0.736   -2.148 1.00 29.86 ? 21 U   A "C1'" 1 
ATOM   444 N N1    . U   A 1 21 ? 15.446  1.297   -1.556 1.00 24.01 ? 21 U   A N1    1 
ATOM   445 C C2    . U   A 1 21 ? 14.479  1.798   -2.400 1.00 24.62 ? 21 U   A C2    1 
ATOM   446 O O2    . U   A 1 21 ? 14.588  1.816   -3.608 1.00 23.96 ? 21 U   A O2    1 
ATOM   447 N N3    . U   A 1 21 ? 13.381  2.290   -1.777 1.00 25.82 ? 21 U   A N3    1 
ATOM   448 C C4    . U   A 1 21 ? 13.173  2.338   -0.432 1.00 36.74 ? 21 U   A C4    1 
ATOM   449 O O4    . U   A 1 21 ? 12.111  2.794   -0.007 1.00 47.30 ? 21 U   A O4    1 
ATOM   450 C C5    . U   A 1 21 ? 14.244  1.811   0.367  1.00 35.19 ? 21 U   A C5    1 
ATOM   451 C C6    . U   A 1 21 ? 15.308  1.320   -0.212 1.00 21.86 ? 21 U   A C6    1 
ATOM   452 P P     . G   A 1 22 ? 20.141  3.046   -0.065 1.00 47.62 ? 22 G   A P     1 
ATOM   453 O OP1   . G   A 1 22 ? 20.333  3.008   1.418  1.00 42.42 ? 22 G   A OP1   1 
ATOM   454 O OP2   . G   A 1 22 ? 19.147  3.976   -0.649 1.00 52.99 ? 22 G   A OP2   1 
ATOM   455 O "O5'" . G   A 1 22 ? 21.518  3.351   -0.804 1.00 47.02 ? 22 G   A "O5'" 1 
ATOM   456 C "C5'" . G   A 1 22 ? 22.592  2.401   -0.806 1.00 44.92 ? 22 G   A "C5'" 1 
ATOM   457 C "C4'" . G   A 1 22 ? 23.384  2.524   -2.084 1.00 44.71 ? 22 G   A "C4'" 1 
ATOM   458 O "O4'" . G   A 1 22 ? 22.576  2.083   -3.202 1.00 48.31 ? 22 G   A "O4'" 1 
ATOM   459 C "C3'" . G   A 1 22 ? 23.798  3.934   -2.440 1.00 42.04 ? 22 G   A "C3'" 1 
ATOM   460 O "O3'" . G   A 1 22 ? 25.012  4.270   -1.811 1.00 42.39 ? 22 G   A "O3'" 1 
ATOM   461 C "C2'" . G   A 1 22 ? 23.934  3.899   -3.953 1.00 44.56 ? 22 G   A "C2'" 1 
ATOM   462 O "O2'" . G   A 1 22 ? 25.195  3.493   -4.433 1.00 54.98 ? 22 G   A "O2'" 1 
ATOM   463 C "C1'" . G   A 1 22 ? 22.870  2.872   -4.333 1.00 43.53 ? 22 G   A "C1'" 1 
ATOM   464 N N9    . G   A 1 22 ? 21.665  3.580   -4.698 1.00 40.66 ? 22 G   A N9    1 
ATOM   465 C C8    . G   A 1 22 ? 20.494  3.696   -3.986 1.00 43.30 ? 22 G   A C8    1 
ATOM   466 N N7    . G   A 1 22 ? 19.609  4.446   -4.582 1.00 44.08 ? 22 G   A N7    1 
ATOM   467 C C5    . G   A 1 22 ? 20.239  4.829   -5.762 1.00 43.33 ? 22 G   A C5    1 
ATOM   468 C C6    . G   A 1 22 ? 19.783  5.639   -6.822 1.00 42.36 ? 22 G   A C6    1 
ATOM   469 O O6    . G   A 1 22 ? 18.687  6.184   -6.946 1.00 50.58 ? 22 G   A O6    1 
ATOM   470 N N1    . G   A 1 22 ? 20.752  5.783   -7.808 1.00 35.81 ? 22 G   A N1    1 
ATOM   471 C C2    . G   A 1 22 ? 21.997  5.203   -7.775 1.00 39.73 ? 22 G   A C2    1 
ATOM   472 N N2    . G   A 1 22 ? 22.791  5.453   -8.806 1.00 51.98 ? 22 G   A N2    1 
ATOM   473 N N3    . G   A 1 22 ? 22.430  4.439   -6.801 1.00 36.26 ? 22 G   A N3    1 
ATOM   474 C C4    . G   A 1 22 ? 21.506  4.297   -5.835 1.00 40.42 ? 22 G   A C4    1 
ATOM   475 P P     . C   A 1 23 ? 25.367  5.813   -1.572 1.00 47.20 ? 23 C   A P     1 
ATOM   476 O OP1   . C   A 1 23 ? 26.638  5.710   -0.818 1.00 47.29 ? 23 C   A OP1   1 
ATOM   477 O OP2   . C   A 1 23 ? 24.240  6.578   -1.001 1.00 50.19 ? 23 C   A OP2   1 
ATOM   478 O "O5'" . C   A 1 23 ? 25.585  6.392   -3.039 1.00 38.14 ? 23 C   A "O5'" 1 
ATOM   479 C "C5'" . C   A 1 23 ? 26.821  6.144   -3.701 1.00 44.93 ? 23 C   A "C5'" 1 
ATOM   480 C "C4'" . C   A 1 23 ? 26.878  6.889   -4.987 1.00 37.92 ? 23 C   A "C4'" 1 
ATOM   481 O "O4'" . C   A 1 23 ? 25.821  6.391   -5.825 1.00 36.36 ? 23 C   A "O4'" 1 
ATOM   482 C "C3'" . C   A 1 23 ? 26.601  8.367   -4.879 1.00 35.96 ? 23 C   A "C3'" 1 
ATOM   483 O "O3'" . C   A 1 23 ? 27.719  9.143   -4.544 1.00 31.42 ? 23 C   A "O3'" 1 
ATOM   484 C "C2'" . C   A 1 23 ? 26.078  8.712   -6.261 1.00 37.80 ? 23 C   A "C2'" 1 
ATOM   485 O "O2'" . C   A 1 23 ? 27.080  8.950   -7.231 1.00 40.19 ? 23 C   A "O2'" 1 
ATOM   486 C "C1'" . C   A 1 23 ? 25.309  7.443   -6.610 1.00 36.46 ? 23 C   A "C1'" 1 
ATOM   487 N N1    . C   A 1 23 ? 23.913  7.624   -6.258 1.00 33.35 ? 23 C   A N1    1 
ATOM   488 C C2    . C   A 1 23 ? 23.092  8.301   -7.153 1.00 39.43 ? 23 C   A C2    1 
ATOM   489 O O2    . C   A 1 23 ? 23.562  8.637   -8.242 1.00 50.44 ? 23 C   A O2    1 
ATOM   490 N N3    . C   A 1 23 ? 21.827  8.565   -6.820 1.00 36.66 ? 23 C   A N3    1 
ATOM   491 C C4    . C   A 1 23 ? 21.363  8.151   -5.653 1.00 45.67 ? 23 C   A C4    1 
ATOM   492 N N4    . C   A 1 23 ? 20.104  8.460   -5.341 1.00 63.18 ? 23 C   A N4    1 
ATOM   493 C C5    . C   A 1 23 ? 22.166  7.406   -4.738 1.00 39.85 ? 23 C   A C5    1 
ATOM   494 C C6    . C   A 1 23 ? 23.428  7.167   -5.077 1.00 27.74 ? 23 C   A C6    1 
ATOM   495 P P     . A   A 1 24 ? 27.469  10.662  -4.140 1.00 43.24 ? 24 A   A P     1 
ATOM   496 O OP1   . A   A 1 24 ? 28.755  11.299  -3.810 1.00 49.41 ? 24 A   A OP1   1 
ATOM   497 O OP2   . A   A 1 24 ? 26.397  10.645  -3.137 1.00 55.03 ? 24 A   A OP2   1 
ATOM   498 O "O5'" . A   A 1 24 ? 26.839  11.312  -5.449 1.00 26.90 ? 24 A   A "O5'" 1 
ATOM   499 C "C5'" . A   A 1 24 ? 27.619  11.431  -6.622 1.00 22.18 ? 24 A   A "C5'" 1 
ATOM   500 C "C4'" . A   A 1 24 ? 26.944  12.326  -7.612 1.00 20.99 ? 24 A   A "C4'" 1 
ATOM   501 O "O4'" . A   A 1 24 ? 25.820  11.644  -8.191 1.00 21.26 ? 24 A   A "O4'" 1 
ATOM   502 C "C3'" . A   A 1 24 ? 26.393  13.628  -7.073 1.00 21.32 ? 24 A   A "C3'" 1 
ATOM   503 O "O3'" . A   A 1 24 ? 27.377  14.628  -7.098 1.00 29.41 ? 24 A   A "O3'" 1 
ATOM   504 C "C2'" . A   A 1 24 ? 25.306  13.962  -8.079 1.00 27.84 ? 24 A   A "C2'" 1 
ATOM   505 O "O2'" . A   A 1 24 ? 25.837  14.600  -9.228 1.00 28.39 ? 24 A   A "O2'" 1 
ATOM   506 C "C1'" . A   A 1 24 ? 24.776  12.568  -8.430 1.00 26.03 ? 24 A   A "C1'" 1 
ATOM   507 N N9    . A   A 1 24 ? 23.668  12.173  -7.568 1.00 28.67 ? 24 A   A N9    1 
ATOM   508 C C8    . A   A 1 24 ? 23.748  11.417  -6.425 1.00 33.26 ? 24 A   A C8    1 
ATOM   509 N N7    . A   A 1 24 ? 22.593  11.213  -5.849 1.00 31.44 ? 24 A   A N7    1 
ATOM   510 C C5    . A   A 1 24 ? 21.700  11.884  -6.663 1.00 26.47 ? 24 A   A C5    1 
ATOM   511 C C6    . A   A 1 24 ? 20.340  12.050  -6.587 1.00 27.06 ? 24 A   A C6    1 
ATOM   512 N N6    . A   A 1 24 ? 19.611  11.553  -5.597 1.00 32.45 ? 24 A   A N6    1 
ATOM   513 N N1    . A   A 1 24 ? 19.734  12.756  -7.559 1.00 25.36 ? 24 A   A N1    1 
ATOM   514 C C2    . A   A 1 24 ? 20.482  13.267  -8.528 1.00 27.89 ? 24 A   A C2    1 
ATOM   515 N N3    . A   A 1 24 ? 21.792  13.193  -8.702 1.00 26.70 ? 24 A   A N3    1 
ATOM   516 C C4    . A   A 1 24 ? 22.345  12.475  -7.723 1.00 24.88 ? 24 A   A C4    1 
ATOM   517 P P     . C   A 1 25 ? 27.178  15.945  -6.220 1.00 40.92 ? 25 C   A P     1 
ATOM   518 O OP1   . C   A 1 25 ? 28.308  16.840  -6.536 1.00 54.27 ? 25 C   A OP1   1 
ATOM   519 O OP2   . C   A 1 25 ? 26.986  15.477  -4.826 1.00 41.09 ? 25 C   A OP2   1 
ATOM   520 O "O5'" . C   A 1 25 ? 25.895  16.652  -6.848 1.00 23.33 ? 25 C   A "O5'" 1 
ATOM   521 C "C5'" . C   A 1 25 ? 26.018  17.282  -8.115 1.00 14.16 ? 25 C   A "C5'" 1 
ATOM   522 C "C4'" . C   A 1 25 ? 24.708  17.848  -8.584 1.00 18.17 ? 25 C   A "C4'" 1 
ATOM   523 O "O4'" . C   A 1 25 ? 23.729  16.794  -8.698 1.00 27.98 ? 25 C   A "O4'" 1 
ATOM   524 C "C3'" . C   A 1 25 ? 24.034  18.900  -7.737 1.00 25.13 ? 25 C   A "C3'" 1 
ATOM   525 O "O3'" . C   A 1 25 ? 24.527  20.189  -7.967 1.00 25.69 ? 25 C   A "O3'" 1 
ATOM   526 C "C2'" . C   A 1 25 ? 22.588  18.809  -8.195 1.00 37.31 ? 25 C   A "C2'" 1 
ATOM   527 O "O2'" . C   A 1 25 ? 22.348  19.485  -9.424 1.00 40.59 ? 25 C   A "O2'" 1 
ATOM   528 C "C1'" . C   A 1 25 ? 22.441  17.308  -8.399 1.00 38.46 ? 25 C   A "C1'" 1 
ATOM   529 N N1    . C   A 1 25 ? 21.991  16.635  -7.178 1.00 47.97 ? 25 C   A N1    1 
ATOM   530 C C2    . C   A 1 25 ? 20.693  16.166  -7.112 1.00 45.52 ? 25 C   A C2    1 
ATOM   531 O O2    . C   A 1 25 ? 19.892  16.505  -7.996 1.00 47.05 ? 25 C   A O2    1 
ATOM   532 N N3    . C   A 1 25 ? 20.339  15.369  -6.080 1.00 43.58 ? 25 C   A N3    1 
ATOM   533 C C4    . C   A 1 25 ? 21.224  15.089  -5.121 1.00 43.82 ? 25 C   A C4    1 
ATOM   534 N N4    . C   A 1 25 ? 20.873  14.240  -4.175 1.00 46.50 ? 25 C   A N4    1 
ATOM   535 C C5    . C   A 1 25 ? 22.521  15.656  -5.107 1.00 47.83 ? 25 C   A C5    1 
ATOM   536 C C6    . C   A 1 25 ? 22.862  16.418  -6.143 1.00 50.85 ? 25 C   A C6    1 
ATOM   537 P P     . U   A 1 26 ? 24.912  21.083  -6.714 1.00 30.76 ? 26 U   A P     1 
ATOM   538 O OP1   . U   A 1 26 ? 24.237  20.487  -5.545 1.00 45.16 ? 26 U   A OP1   1 
ATOM   539 O OP2   . U   A 1 26 ? 24.719  22.510  -7.022 1.00 39.85 ? 26 U   A OP2   1 
ATOM   540 O "O5'" . U   A 1 26 ? 26.456  20.782  -6.532 1.00 32.19 ? 26 U   A "O5'" 1 
ATOM   541 C "C5'" . U   A 1 26 ? 26.918  19.640  -5.812 1.00 26.59 ? 26 U   A "C5'" 1 
ATOM   542 C "C4'" . U   A 1 26 ? 28.039  20.072  -4.908 1.00 33.14 ? 26 U   A "C4'" 1 
ATOM   543 O "O4'" . U   A 1 26 ? 27.607  21.256  -4.196 1.00 34.40 ? 26 U   A "O4'" 1 
ATOM   544 C "C3'" . U   A 1 26 ? 28.440  19.083  -3.834 1.00 38.34 ? 26 U   A "C3'" 1 
ATOM   545 O "O3'" . U   A 1 26 ? 29.218  17.938  -4.204 1.00 37.97 ? 26 U   A "O3'" 1 
ATOM   546 C "C2'" . U   A 1 26 ? 28.997  19.971  -2.739 1.00 40.30 ? 26 U   A "C2'" 1 
ATOM   547 O "O2'" . U   A 1 26 ? 30.331  20.287  -3.038 1.00 46.87 ? 26 U   A "O2'" 1 
ATOM   548 C "C1'" . U   A 1 26 ? 28.128  21.228  -2.881 1.00 41.03 ? 26 U   A "C1'" 1 
ATOM   549 N N1    . U   A 1 26 ? 27.008  21.357  -1.929 1.00 47.94 ? 26 U   A N1    1 
ATOM   550 C C2    . U   A 1 26 ? 27.323  21.567  -0.605 1.00 57.78 ? 26 U   A C2    1 
ATOM   551 O O2    . U   A 1 26 ? 28.474  21.629  -0.199 1.00 62.88 ? 26 U   A O2    1 
ATOM   552 N N3    . U   A 1 26 ? 26.242  21.713  0.235  1.00 66.88 ? 26 U   A N3    1 
ATOM   553 C C4    . U   A 1 26 ? 24.905  21.679  -0.106 1.00 65.63 ? 26 U   A C4    1 
ATOM   554 O O4    . U   A 1 26 ? 24.049  21.907  0.763  1.00 65.32 ? 26 U   A O4    1 
ATOM   555 C C5    . U   A 1 26 ? 24.658  21.443  -1.496 1.00 60.12 ? 26 U   A C5    1 
ATOM   556 C C6    . U   A 1 26 ? 25.691  21.292  -2.338 1.00 54.27 ? 26 U   A C6    1 
HETATM 557 O O     . HOH B 2 .  ? 3.365   -5.657  -4.172 1.00 38.06 ? 27 HOH A O     1 
HETATM 558 O O     . HOH B 2 .  ? 9.973   2.287   2.310  1.00 28.14 ? 28 HOH A O     1 
HETATM 559 O O     . HOH B 2 .  ? -3.892  -12.494 6.715  1.00 71.67 ? 29 HOH A O     1 
HETATM 560 O O     . HOH B 2 .  ? 6.585   2.477   2.006  1.00 51.11 ? 30 HOH A O     1 
HETATM 561 O O     . HOH B 2 .  ? -17.353 1.919   -4.898 1.00 38.09 ? 31 HOH A O     1 
HETATM 562 O O     . HOH B 2 .  ? -14.889 -4.096  -3.864 1.00 31.06 ? 32 HOH A O     1 
# 
